data_7Y3U
#
_entry.id   7Y3U
#
_cell.length_a   81.731
_cell.length_b   93.173
_cell.length_c   82.319
_cell.angle_alpha   90.000
_cell.angle_beta   91.200
_cell.angle_gamma   90.000
#
_symmetry.space_group_name_H-M   'P 1 21 1'
#
loop_
_entity.id
_entity.type
_entity.pdbx_description
1 polymer Lactoperoxidase
2 branched beta-D-mannopyranose-(1-4)-2-acetamido-2-deoxy-beta-D-glucopyranose-(1-4)-2-acetamido-2-deoxy-beta-D-glucopyranose
3 non-polymer Mesoheme
4 non-polymer 'CALCIUM ION'
5 non-polymer 'CHLORIDE ION'
6 non-polymer 2-acetamido-2-deoxy-beta-D-glucopyranose
7 non-polymer 'NITRIC OXIDE'
8 non-polymer 'ACETATE ION'
9 water water
#
_entity_poly.entity_id   1
_entity_poly.type   'polypeptide(L)'
_entity_poly.pdbx_seq_one_letter_code
;SWEVGCGAPVPLVKCDENSPYRTITGDCNNRRSPALGAANRALARWLPAEYEDGLALPFGWTQRKTRNGFRVPLAREVSN
KIVGYLDEEGVLDQNRSLLFMQWGQIVDHDLDFAPETELGSNEHSKTQCEEYCIQGDNCFPIMFPKNDPKLKTQGKCMPF
FRAGFVCPTPPYQSLAREQINAVTSFLDASLVYGSEPSLASRLRNLSSPLGLMAVNQEAWDHGLAYLPFNNKKPSPCEFI
NTTARVPCFLAGDFRASEQILLATAHTLLLREHNRLARELKKLNPHWNGEKLYQEARKILGAFIQIITFRDYLPIVLGSE
MQKWIPPYQGYNNSVDPRISNVFTFAFRFGHMEVPSTVSRLDENYQPWGPEAELPLHTLFFNTWRIIKDGGIDPLVRGLL
AKKSKLMNQDKMVTSELRNKLFQPTHKIHGFDLAAINLQRCRDHGMPGYNSWRGFCGLSQPKTLKGLQTVLKNKILAKKL
MDLYKTPDNIDIWIGGNAEPMVERGRVGPLLACLLGRQFQQIRDGDRFWWENPGVFTEKQRDSLQKVSFSRLICDNTHIT
KVPLHAFQANNYPHDFVDCSTVDKLDLSPWASREN
;
_entity_poly.pdbx_strand_id   A,B
#
# COMPACT_ATOMS: atom_id res chain seq x y z
N SER A 1 -0.36 -4.93 -19.75
CA SER A 1 -0.10 -4.38 -18.37
C SER A 1 0.86 -5.31 -17.60
N TRP A 2 0.79 -5.36 -16.27
CA TRP A 2 1.34 -6.48 -15.47
C TRP A 2 0.23 -7.54 -15.37
N GLU A 3 -0.75 -7.47 -16.29
CA GLU A 3 -1.89 -8.40 -16.39
C GLU A 3 -1.42 -9.83 -16.68
N VAL A 4 -2.01 -10.82 -15.99
CA VAL A 4 -1.56 -12.23 -16.04
C VAL A 4 -0.40 -12.32 -15.06
N GLY A 5 0.04 -11.17 -14.55
CA GLY A 5 1.09 -11.06 -13.53
C GLY A 5 0.60 -10.25 -12.34
N CYS A 6 -0.42 -9.39 -12.48
CA CYS A 6 -0.82 -8.45 -11.40
C CYS A 6 -1.27 -9.27 -10.20
N GLY A 7 -0.69 -8.98 -9.02
CA GLY A 7 -1.02 -9.59 -7.72
C GLY A 7 -0.69 -8.64 -6.57
N ALA A 8 -1.60 -8.51 -5.59
CA ALA A 8 -1.47 -7.62 -4.42
C ALA A 8 -0.92 -8.41 -3.24
N PRO A 9 -0.71 -7.79 -2.05
CA PRO A 9 -0.34 -8.52 -0.83
C PRO A 9 -1.26 -9.72 -0.54
N VAL A 10 -0.75 -10.71 0.19
CA VAL A 10 -1.43 -11.99 0.57
C VAL A 10 -0.38 -12.78 1.35
N PRO A 11 -0.75 -13.76 2.20
CA PRO A 11 0.26 -14.53 2.93
C PRO A 11 1.03 -15.54 2.08
N LEU A 12 0.53 -15.89 0.88
CA LEU A 12 1.18 -16.79 -0.12
C LEU A 12 1.44 -18.22 0.43
N VAL A 13 0.53 -18.79 1.22
CA VAL A 13 0.73 -20.09 1.95
C VAL A 13 0.51 -21.28 1.00
N LYS A 14 1.26 -22.38 1.20
CA LYS A 14 1.21 -23.63 0.40
C LYS A 14 0.06 -24.53 0.88
N CYS A 15 -0.22 -25.61 0.12
CA CYS A 15 -1.38 -26.53 0.29
C CYS A 15 -0.97 -27.88 0.90
N ASP A 16 -1.33 -28.12 2.17
CA ASP A 16 -1.35 -29.47 2.78
C ASP A 16 -2.64 -30.17 2.30
N GLU A 17 -2.51 -30.98 1.25
CA GLU A 17 -3.63 -31.50 0.42
C GLU A 17 -4.37 -32.61 1.19
N ASN A 18 -3.70 -33.30 2.12
CA ASN A 18 -4.30 -34.41 2.91
C ASN A 18 -5.05 -33.85 4.12
N SER A 19 -4.95 -32.54 4.38
CA SER A 19 -5.68 -31.85 5.48
C SER A 19 -7.19 -31.94 5.23
N PRO A 20 -7.98 -32.40 6.23
CA PRO A 20 -9.44 -32.46 6.11
C PRO A 20 -10.15 -31.20 6.64
N TYR A 21 -9.38 -30.16 6.97
CA TYR A 21 -9.86 -28.89 7.58
C TYR A 21 -9.66 -27.74 6.60
N ARG A 22 -10.58 -26.77 6.62
CA ARG A 22 -10.43 -25.48 5.88
C ARG A 22 -9.18 -24.76 6.38
N THR A 23 -8.44 -24.09 5.48
CA THR A 23 -7.46 -23.05 5.89
C THR A 23 -8.22 -21.85 6.49
N ILE A 24 -7.57 -21.12 7.38
CA ILE A 24 -8.08 -19.82 7.92
C ILE A 24 -8.36 -18.88 6.75
N THR A 25 -7.45 -18.81 5.77
CA THR A 25 -7.46 -17.81 4.66
C THR A 25 -8.37 -18.23 3.51
N GLY A 26 -8.87 -19.47 3.49
CA GLY A 26 -9.69 -20.01 2.40
C GLY A 26 -8.84 -20.51 1.23
N ASP A 27 -7.52 -20.45 1.35
CA ASP A 27 -6.56 -21.03 0.39
C ASP A 27 -6.73 -22.55 0.35
N CYS A 28 -6.52 -23.14 -0.83
CA CYS A 28 -6.43 -24.62 -1.04
C CYS A 28 -7.83 -25.27 -0.96
N ASN A 29 -8.90 -24.49 -1.00
CA ASN A 29 -10.27 -25.03 -1.09
C ASN A 29 -10.46 -25.62 -2.48
N ASN A 30 -10.18 -24.83 -3.52
CA ASN A 30 -10.18 -25.25 -4.94
C ASN A 30 -8.76 -25.70 -5.32
N ARG A 31 -8.57 -26.98 -5.69
CA ARG A 31 -7.22 -27.57 -5.90
C ARG A 31 -6.64 -27.09 -7.24
N ARG A 32 -7.48 -27.03 -8.30
CA ARG A 32 -7.13 -26.51 -9.66
C ARG A 32 -6.50 -25.13 -9.55
N SER A 33 -7.19 -24.22 -8.85
CA SER A 33 -6.86 -22.78 -8.67
C SER A 33 -6.88 -22.45 -7.18
N PRO A 34 -5.77 -22.69 -6.43
CA PRO A 34 -5.76 -22.59 -4.97
C PRO A 34 -6.23 -21.28 -4.31
N ALA A 35 -6.16 -20.15 -5.01
CA ALA A 35 -6.45 -18.80 -4.46
C ALA A 35 -7.95 -18.47 -4.51
N LEU A 36 -8.78 -19.25 -5.23
CA LEU A 36 -10.23 -18.97 -5.41
C LEU A 36 -10.94 -19.01 -4.06
N GLY A 37 -11.52 -17.87 -3.66
CA GLY A 37 -12.34 -17.74 -2.45
C GLY A 37 -11.48 -17.37 -1.25
N ALA A 38 -10.17 -17.27 -1.43
CA ALA A 38 -9.23 -16.91 -0.35
C ALA A 38 -9.37 -15.42 -0.04
N ALA A 39 -9.02 -15.06 1.19
CA ALA A 39 -9.10 -13.70 1.74
C ALA A 39 -8.05 -12.83 1.04
N ASN A 40 -8.29 -11.51 1.05
CA ASN A 40 -7.33 -10.45 0.64
C ASN A 40 -7.01 -10.62 -0.85
N ARG A 41 -8.02 -10.92 -1.66
CA ARG A 41 -7.96 -10.96 -3.15
C ARG A 41 -8.98 -9.99 -3.74
N ALA A 42 -8.90 -9.71 -5.03
CA ALA A 42 -9.92 -9.01 -5.84
C ALA A 42 -11.30 -9.69 -5.69
N LEU A 43 -12.31 -8.92 -5.31
CA LEU A 43 -13.73 -9.28 -5.53
C LEU A 43 -13.89 -9.71 -6.99
N ALA A 44 -14.61 -10.79 -7.26
CA ALA A 44 -14.93 -11.24 -8.64
C ALA A 44 -15.70 -10.12 -9.34
N ARG A 45 -15.68 -10.07 -10.67
CA ARG A 45 -16.56 -9.18 -11.48
C ARG A 45 -17.46 -10.07 -12.33
N TRP A 46 -18.78 -9.92 -12.17
CA TRP A 46 -19.82 -10.56 -13.01
C TRP A 46 -20.04 -9.73 -14.26
N LEU A 47 -19.88 -8.41 -14.15
CA LEU A 47 -19.81 -7.45 -15.29
C LEU A 47 -18.58 -6.58 -15.11
N PRO A 48 -18.02 -6.00 -16.20
CA PRO A 48 -16.80 -5.22 -16.08
C PRO A 48 -17.04 -3.92 -15.30
N ALA A 49 -16.02 -3.49 -14.56
CA ALA A 49 -16.00 -2.19 -13.84
C ALA A 49 -16.40 -1.08 -14.82
N GLU A 50 -17.13 -0.08 -14.33
CA GLU A 50 -17.49 1.15 -15.09
C GLU A 50 -16.99 2.34 -14.27
N TYR A 51 -15.95 3.01 -14.78
CA TYR A 51 -15.32 4.19 -14.16
C TYR A 51 -15.44 5.37 -15.13
N GLU A 52 -15.41 6.58 -14.56
CA GLU A 52 -15.48 7.88 -15.28
C GLU A 52 -14.44 7.88 -16.41
N ASP A 53 -13.22 7.39 -16.11
CA ASP A 53 -12.01 7.46 -16.97
C ASP A 53 -11.69 6.07 -17.51
N GLY A 54 -12.62 5.12 -17.43
CA GLY A 54 -12.46 3.74 -17.91
C GLY A 54 -11.52 2.90 -17.04
N LEU A 55 -10.98 3.46 -15.95
CA LEU A 55 -9.88 2.84 -15.16
C LEU A 55 -10.23 2.78 -13.67
N ALA A 56 -10.22 3.91 -12.96
CA ALA A 56 -10.23 3.96 -11.49
C ALA A 56 -11.23 5.01 -10.98
N LEU A 57 -11.23 6.22 -11.55
CA LEU A 57 -12.08 7.34 -11.07
C LEU A 57 -13.57 6.99 -11.16
N PRO A 58 -14.34 7.14 -10.06
CA PRO A 58 -15.76 6.80 -10.06
C PRO A 58 -16.59 7.85 -10.81
N PHE A 59 -17.70 7.46 -11.39
CA PHE A 59 -18.72 8.42 -11.87
C PHE A 59 -19.13 9.30 -10.68
N GLY A 60 -19.16 10.61 -10.90
CA GLY A 60 -19.42 11.64 -9.87
C GLY A 60 -18.14 12.25 -9.34
N TRP A 61 -16.99 11.81 -9.84
CA TRP A 61 -15.66 12.32 -9.41
C TRP A 61 -15.47 13.74 -9.92
N THR A 62 -15.58 13.91 -11.24
CA THR A 62 -15.42 15.21 -11.93
C THR A 62 -16.81 15.83 -12.08
N GLN A 63 -17.02 17.03 -11.53
CA GLN A 63 -18.31 17.76 -11.58
C GLN A 63 -18.73 17.78 -13.06
N ARG A 64 -17.80 18.19 -13.93
CA ARG A 64 -17.94 18.33 -15.40
C ARG A 64 -18.52 17.04 -16.02
N LYS A 65 -17.78 15.92 -15.96
CA LYS A 65 -18.05 14.68 -16.73
C LYS A 65 -19.43 14.11 -16.35
N THR A 66 -20.13 13.54 -17.34
CA THR A 66 -21.50 12.98 -17.21
C THR A 66 -21.46 11.46 -17.44
N ARG A 67 -22.61 10.80 -17.25
CA ARG A 67 -22.86 9.35 -17.47
C ARG A 67 -24.07 9.18 -18.40
N ASN A 68 -23.87 8.49 -19.54
CA ASN A 68 -24.81 8.39 -20.69
C ASN A 68 -25.49 9.75 -20.93
N GLY A 69 -24.69 10.82 -20.95
CA GLY A 69 -25.13 12.19 -21.27
C GLY A 69 -25.51 13.03 -20.06
N PHE A 70 -26.13 12.41 -19.05
CA PHE A 70 -26.74 13.09 -17.88
C PHE A 70 -25.75 13.09 -16.70
N ARG A 71 -25.76 14.16 -15.91
CA ARG A 71 -24.89 14.26 -14.70
C ARG A 71 -25.42 13.30 -13.64
N VAL A 72 -24.54 12.74 -12.81
CA VAL A 72 -24.94 11.81 -11.72
C VAL A 72 -25.29 12.66 -10.50
N PRO A 73 -26.45 12.41 -9.86
CA PRO A 73 -26.89 13.24 -8.74
C PRO A 73 -26.10 12.91 -7.47
N LEU A 74 -25.90 13.93 -6.62
CA LEU A 74 -25.22 13.76 -5.32
C LEU A 74 -25.91 12.63 -4.56
N ALA A 75 -25.13 11.75 -3.95
CA ALA A 75 -25.61 10.57 -3.19
C ALA A 75 -26.59 11.03 -2.11
N ARG A 76 -26.23 12.09 -1.39
CA ARG A 76 -26.98 12.61 -0.24
C ARG A 76 -28.33 13.16 -0.72
N GLU A 77 -28.38 13.76 -1.91
CA GLU A 77 -29.63 14.32 -2.49
C GLU A 77 -30.59 13.16 -2.77
N VAL A 78 -30.07 12.06 -3.33
CA VAL A 78 -30.85 10.81 -3.55
C VAL A 78 -31.37 10.31 -2.19
N SER A 79 -30.51 10.30 -1.18
CA SER A 79 -30.85 9.82 0.19
C SER A 79 -32.03 10.63 0.72
N ASN A 80 -31.91 11.96 0.71
CA ASN A 80 -32.92 12.89 1.29
C ASN A 80 -34.24 12.77 0.54
N LYS A 81 -34.21 12.76 -0.78
CA LYS A 81 -35.44 12.93 -1.62
C LYS A 81 -36.13 11.59 -1.87
N ILE A 82 -35.49 10.46 -1.58
CA ILE A 82 -36.06 9.11 -1.86
C ILE A 82 -36.04 8.22 -0.61
N VAL A 83 -34.91 8.19 0.11
CA VAL A 83 -34.60 7.11 1.09
C VAL A 83 -35.08 7.50 2.48
N GLY A 84 -35.29 8.80 2.71
CA GLY A 84 -35.68 9.36 4.02
C GLY A 84 -37.17 9.17 4.32
N TYR A 85 -37.50 9.19 5.61
CA TYR A 85 -38.90 9.25 6.12
C TYR A 85 -38.86 9.67 7.59
N LEU A 86 -39.98 10.20 8.09
CA LEU A 86 -40.12 10.73 9.48
C LEU A 86 -40.89 9.73 10.34
N ASP A 87 -41.88 9.02 9.77
CA ASP A 87 -42.90 8.29 10.57
C ASP A 87 -42.51 6.80 10.73
N GLU A 88 -41.94 6.42 11.88
CA GLU A 88 -41.52 5.03 12.20
C GLU A 88 -42.76 4.17 12.53
N GLU A 89 -43.96 4.73 12.44
CA GLU A 89 -45.23 4.03 12.80
C GLU A 89 -45.65 3.12 11.65
N GLY A 90 -46.03 1.87 11.96
CA GLY A 90 -46.49 0.86 10.99
C GLY A 90 -45.40 0.41 10.03
N VAL A 91 -44.13 0.71 10.33
CA VAL A 91 -43.00 0.40 9.41
C VAL A 91 -42.48 -0.99 9.74
N LEU A 92 -42.77 -1.51 10.94
CA LEU A 92 -42.22 -2.82 11.39
C LEU A 92 -42.77 -3.94 10.49
N ASP A 93 -41.98 -5.01 10.31
CA ASP A 93 -42.32 -6.21 9.50
C ASP A 93 -43.08 -7.19 10.41
N GLN A 94 -44.38 -7.38 10.14
CA GLN A 94 -45.30 -8.09 11.06
C GLN A 94 -45.06 -9.60 10.99
N ASN A 95 -44.28 -10.11 10.03
CA ASN A 95 -44.06 -11.57 9.89
C ASN A 95 -42.57 -11.91 9.86
N ARG A 96 -41.69 -11.06 10.42
CA ARG A 96 -40.24 -11.38 10.59
C ARG A 96 -39.75 -10.82 11.93
N SER A 97 -39.04 -11.64 12.70
CA SER A 97 -38.36 -11.21 13.95
C SER A 97 -37.13 -10.36 13.59
N LEU A 98 -36.56 -9.67 14.58
CA LEU A 98 -35.37 -8.80 14.42
C LEU A 98 -34.16 -9.69 14.12
N LEU A 99 -34.17 -10.94 14.58
CA LEU A 99 -33.12 -11.94 14.28
C LEU A 99 -32.99 -12.11 12.76
N PHE A 100 -34.07 -11.89 12.00
CA PHE A 100 -34.05 -11.95 10.53
C PHE A 100 -33.03 -10.93 10.00
N MET A 101 -33.19 -9.67 10.43
CA MET A 101 -32.23 -8.57 10.16
C MET A 101 -30.85 -9.01 10.63
N GLN A 102 -30.71 -9.41 11.89
CA GLN A 102 -29.40 -9.63 12.55
C GLN A 102 -28.66 -10.77 11.85
N TRP A 103 -29.37 -11.82 11.44
CA TRP A 103 -28.70 -13.00 10.83
C TRP A 103 -28.14 -12.61 9.47
N GLY A 104 -28.91 -11.88 8.67
CA GLY A 104 -28.43 -11.24 7.43
C GLY A 104 -27.05 -10.62 7.59
N GLN A 105 -26.87 -9.79 8.62
CA GLN A 105 -25.62 -9.03 8.85
C GLN A 105 -24.50 -9.98 9.28
N ILE A 106 -24.82 -11.00 10.07
CA ILE A 106 -23.85 -12.03 10.51
C ILE A 106 -23.31 -12.74 9.26
N VAL A 107 -24.21 -13.20 8.38
CA VAL A 107 -23.86 -13.93 7.13
C VAL A 107 -23.00 -13.01 6.27
N ASP A 108 -23.51 -11.82 5.96
CA ASP A 108 -22.78 -10.76 5.21
C ASP A 108 -21.30 -10.68 5.62
N HIS A 109 -21.04 -10.62 6.93
CA HIS A 109 -19.69 -10.37 7.49
C HIS A 109 -18.82 -11.64 7.38
N ASP A 110 -19.43 -12.82 7.38
CA ASP A 110 -18.72 -14.08 7.06
C ASP A 110 -18.19 -13.99 5.63
N LEU A 111 -18.98 -13.43 4.71
CA LEU A 111 -18.79 -13.55 3.23
C LEU A 111 -17.88 -12.44 2.69
N ASP A 112 -18.12 -11.16 3.00
CA ASP A 112 -17.40 -10.06 2.32
C ASP A 112 -17.15 -8.83 3.19
N PHE A 113 -15.98 -8.25 2.97
CA PHE A 113 -15.49 -7.00 3.60
C PHE A 113 -14.52 -6.34 2.62
N ALA A 114 -14.81 -5.10 2.24
CA ALA A 114 -13.97 -4.25 1.37
C ALA A 114 -13.57 -3.03 2.19
N PRO A 115 -12.55 -3.18 3.06
CA PRO A 115 -12.15 -2.11 3.97
C PRO A 115 -11.54 -0.91 3.24
N GLU A 116 -11.81 0.30 3.78
CA GLU A 116 -11.16 1.57 3.36
C GLU A 116 -9.65 1.36 3.40
N THR A 117 -8.92 1.97 2.46
CA THR A 117 -7.45 2.18 2.54
C THR A 117 -7.16 2.59 3.99
N GLU A 118 -6.40 1.77 4.73
CA GLU A 118 -6.39 1.78 6.22
C GLU A 118 -5.60 3.00 6.73
N LEU A 119 -6.32 4.00 7.25
CA LEU A 119 -5.76 5.26 7.83
C LEU A 119 -5.29 4.98 9.27
N GLY A 120 -4.06 5.39 9.60
CA GLY A 120 -3.38 5.07 10.86
C GLY A 120 -3.85 5.96 12.01
N SER A 121 -4.60 7.03 11.70
CA SER A 121 -5.09 8.09 12.62
C SER A 121 -3.89 8.84 13.22
N ASN A 122 -2.94 9.22 12.36
CA ASN A 122 -1.62 9.83 12.73
C ASN A 122 -1.26 10.90 11.69
N GLU A 123 -2.22 11.34 10.88
CA GLU A 123 -1.99 12.18 9.67
C GLU A 123 -2.92 13.39 9.70
N HIS A 124 -2.58 14.43 8.93
CA HIS A 124 -3.41 15.62 8.65
C HIS A 124 -4.33 15.35 7.45
N SER A 125 -4.02 14.33 6.64
CA SER A 125 -4.77 13.95 5.42
C SER A 125 -6.13 13.34 5.78
N LYS A 126 -6.24 12.76 6.99
CA LYS A 126 -7.51 12.24 7.57
C LYS A 126 -8.46 13.42 7.79
N THR A 127 -7.96 14.47 8.44
CA THR A 127 -8.72 15.69 8.81
C THR A 127 -8.83 16.59 7.57
N GLN A 128 -7.78 16.68 6.75
CA GLN A 128 -7.77 17.43 5.46
C GLN A 128 -9.01 17.06 4.63
N CYS A 129 -9.30 15.76 4.50
CA CYS A 129 -10.52 15.24 3.83
C CYS A 129 -11.76 15.69 4.62
N GLU A 130 -11.79 15.43 5.92
CA GLU A 130 -12.97 15.66 6.80
C GLU A 130 -13.24 17.17 6.93
N GLU A 131 -12.18 17.94 7.24
CA GLU A 131 -12.21 19.38 7.65
C GLU A 131 -12.45 20.28 6.44
N TYR A 132 -11.79 20.02 5.30
CA TYR A 132 -11.75 20.95 4.13
C TYR A 132 -12.52 20.38 2.94
N CYS A 133 -12.98 19.12 3.03
CA CYS A 133 -13.84 18.45 2.01
C CYS A 133 -13.17 18.50 0.64
N ILE A 134 -11.85 18.25 0.59
CA ILE A 134 -10.99 18.35 -0.62
C ILE A 134 -10.93 16.97 -1.29
N GLN A 135 -11.64 16.80 -2.41
CA GLN A 135 -11.62 15.56 -3.21
C GLN A 135 -10.19 15.36 -3.76
N GLY A 136 -9.66 14.14 -3.66
CA GLY A 136 -8.33 13.79 -4.20
C GLY A 136 -7.82 12.48 -3.64
N ASP A 137 -7.23 11.64 -4.50
CA ASP A 137 -6.71 10.30 -4.14
C ASP A 137 -7.86 9.47 -3.55
N ASN A 138 -7.77 9.11 -2.25
CA ASN A 138 -8.72 8.19 -1.58
C ASN A 138 -9.79 8.98 -0.83
N CYS A 139 -9.60 10.27 -0.61
CA CYS A 139 -10.67 11.19 -0.13
C CYS A 139 -11.67 11.44 -1.27
N PHE A 140 -12.88 10.89 -1.15
CA PHE A 140 -13.99 11.05 -2.13
C PHE A 140 -15.23 11.55 -1.39
N PRO A 141 -15.27 12.84 -1.00
CA PRO A 141 -16.28 13.34 -0.08
C PRO A 141 -17.71 13.29 -0.61
N ILE A 142 -18.65 12.98 0.29
CA ILE A 142 -20.12 13.06 0.04
C ILE A 142 -20.55 14.52 0.26
N MET A 143 -20.77 15.28 -0.82
CA MET A 143 -21.10 16.72 -0.73
C MET A 143 -22.60 16.88 -0.42
N PHE A 144 -22.93 17.75 0.53
CA PHE A 144 -24.33 18.06 0.90
C PHE A 144 -24.97 18.85 -0.23
N PRO A 145 -26.24 18.56 -0.62
CA PRO A 145 -26.99 19.44 -1.50
C PRO A 145 -27.45 20.71 -0.75
N LYS A 146 -27.70 21.80 -1.49
CA LYS A 146 -28.16 23.09 -0.91
C LYS A 146 -29.43 22.82 -0.10
N ASN A 147 -29.57 23.49 1.06
CA ASN A 147 -30.76 23.44 1.96
C ASN A 147 -30.76 22.18 2.81
N ASP A 148 -29.70 21.37 2.73
CA ASP A 148 -29.53 20.15 3.57
C ASP A 148 -29.29 20.61 4.99
N PRO A 149 -30.11 20.16 5.97
CA PRO A 149 -29.96 20.57 7.37
C PRO A 149 -28.54 20.44 7.92
N LYS A 150 -27.74 19.51 7.40
CA LYS A 150 -26.37 19.21 7.92
C LYS A 150 -25.36 20.31 7.53
N LEU A 151 -25.70 21.19 6.60
CA LEU A 151 -24.84 22.36 6.22
C LEU A 151 -24.60 23.23 7.46
N LYS A 152 -25.68 23.52 8.19
CA LYS A 152 -25.63 24.34 9.41
C LYS A 152 -24.83 23.60 10.49
N THR A 153 -24.85 22.27 10.49
CA THR A 153 -24.49 21.40 11.65
C THR A 153 -23.14 20.69 11.44
N GLN A 154 -22.73 20.43 10.19
CA GLN A 154 -21.58 19.52 9.90
C GLN A 154 -20.63 20.04 8.81
N GLY A 155 -20.92 21.17 8.17
CA GLY A 155 -20.05 21.72 7.12
C GLY A 155 -20.52 21.33 5.74
N LYS A 156 -19.61 21.16 4.78
CA LYS A 156 -19.94 21.05 3.33
C LYS A 156 -20.14 19.59 2.92
N CYS A 157 -19.61 18.65 3.69
CA CYS A 157 -19.46 17.24 3.27
C CYS A 157 -19.45 16.29 4.47
N MET A 158 -19.75 15.01 4.21
CA MET A 158 -19.35 13.87 5.07
C MET A 158 -18.06 13.31 4.50
N PRO A 159 -17.04 13.00 5.33
CA PRO A 159 -15.84 12.35 4.83
C PRO A 159 -16.17 10.94 4.33
N PHE A 160 -15.46 10.50 3.29
CA PHE A 160 -15.62 9.18 2.64
C PHE A 160 -14.27 8.78 2.05
N PHE A 161 -13.78 7.59 2.37
CA PHE A 161 -12.49 7.06 1.85
C PHE A 161 -12.76 5.88 0.91
N ARG A 162 -12.10 5.86 -0.23
CA ARG A 162 -12.29 4.83 -1.27
C ARG A 162 -11.76 3.49 -0.74
N ALA A 163 -12.46 2.40 -1.07
CA ALA A 163 -12.10 1.02 -0.68
C ALA A 163 -10.73 0.69 -1.28
N GLY A 164 -9.91 -0.05 -0.53
CA GLY A 164 -8.64 -0.61 -1.01
C GLY A 164 -8.84 -1.48 -2.25
N PHE A 165 -7.76 -1.67 -3.01
CA PHE A 165 -7.76 -2.36 -4.33
C PHE A 165 -6.42 -3.07 -4.52
N VAL A 166 -6.34 -3.93 -5.53
CA VAL A 166 -5.31 -5.02 -5.66
C VAL A 166 -4.07 -4.55 -6.46
N CYS A 167 -3.04 -5.41 -6.55
CA CYS A 167 -1.57 -5.19 -6.81
C CYS A 167 -1.04 -3.85 -6.28
N PRO A 168 -0.88 -2.77 -7.08
CA PRO A 168 -0.81 -1.42 -6.52
C PRO A 168 -1.91 -1.27 -5.46
N THR A 169 -1.52 -1.10 -4.20
CA THR A 169 -2.44 -0.67 -3.12
C THR A 169 -2.51 0.87 -3.11
N PRO A 170 -1.47 1.63 -3.56
CA PRO A 170 -1.60 3.03 -3.95
C PRO A 170 -1.89 3.11 -5.44
N PRO A 171 -2.29 4.29 -5.99
CA PRO A 171 -2.84 4.36 -7.35
C PRO A 171 -1.90 4.16 -8.55
N TYR A 172 -2.15 3.06 -9.27
CA TYR A 172 -1.62 2.77 -10.62
C TYR A 172 -2.72 1.98 -11.33
N GLN A 173 -3.17 2.42 -12.51
CA GLN A 173 -4.29 1.75 -13.24
C GLN A 173 -4.05 1.70 -14.74
N SER A 174 -4.05 0.47 -15.29
CA SER A 174 -4.04 0.13 -16.75
C SER A 174 -5.16 -0.89 -17.03
N LEU A 175 -5.24 -1.96 -16.22
CA LEU A 175 -6.49 -2.74 -15.98
C LEU A 175 -7.33 -1.96 -14.96
N ALA A 176 -8.67 -2.10 -15.02
CA ALA A 176 -9.65 -1.48 -14.12
C ALA A 176 -9.28 -1.69 -12.65
N ARG A 177 -9.60 -0.72 -11.78
CA ARG A 177 -9.47 -0.83 -10.29
C ARG A 177 -10.38 -1.95 -9.76
N GLU A 178 -9.81 -2.91 -9.05
CA GLU A 178 -10.56 -4.05 -8.43
C GLU A 178 -10.40 -3.96 -6.92
N GLN A 179 -11.52 -3.89 -6.19
CA GLN A 179 -11.54 -3.77 -4.71
C GLN A 179 -11.24 -5.14 -4.10
N ILE A 180 -10.69 -5.14 -2.89
CA ILE A 180 -10.23 -6.37 -2.16
C ILE A 180 -11.42 -6.93 -1.36
N ASN A 181 -11.49 -8.25 -1.21
CA ASN A 181 -12.36 -8.94 -0.23
C ASN A 181 -11.46 -9.52 0.87
N ALA A 182 -11.39 -8.83 2.01
CA ALA A 182 -10.46 -9.09 3.15
C ALA A 182 -10.88 -10.32 3.94
N VAL A 183 -12.05 -10.91 3.63
CA VAL A 183 -12.51 -12.16 4.32
C VAL A 183 -12.68 -13.29 3.29
N THR A 184 -12.92 -14.50 3.79
CA THR A 184 -13.07 -15.72 2.97
C THR A 184 -14.46 -15.74 2.35
N SER A 185 -14.52 -15.90 1.03
CA SER A 185 -15.78 -15.95 0.23
C SER A 185 -16.66 -17.14 0.67
N PHE A 186 -16.08 -18.17 1.29
CA PHE A 186 -16.81 -19.38 1.81
C PHE A 186 -17.57 -19.03 3.09
N LEU A 187 -18.80 -19.56 3.22
CA LEU A 187 -19.60 -19.53 4.47
C LEU A 187 -18.97 -20.49 5.50
N ASP A 188 -18.03 -20.01 6.33
CA ASP A 188 -17.06 -20.86 7.08
C ASP A 188 -16.77 -20.31 8.49
N ALA A 189 -17.66 -19.49 9.06
CA ALA A 189 -17.51 -18.85 10.39
C ALA A 189 -16.18 -18.09 10.50
N SER A 190 -15.66 -17.53 9.41
CA SER A 190 -14.44 -16.67 9.41
C SER A 190 -14.64 -15.45 10.32
N LEU A 191 -15.88 -14.98 10.49
CA LEU A 191 -16.20 -13.85 11.41
C LEU A 191 -15.94 -14.25 12.87
N VAL A 192 -15.92 -15.56 13.17
CA VAL A 192 -15.58 -16.10 14.51
C VAL A 192 -14.06 -16.31 14.63
N TYR A 193 -13.43 -16.93 13.62
CA TYR A 193 -12.05 -17.48 13.71
C TYR A 193 -11.02 -16.56 13.05
N GLY A 194 -11.44 -15.65 12.18
CA GLY A 194 -10.55 -14.75 11.43
C GLY A 194 -10.32 -15.23 10.02
N SER A 195 -9.87 -14.34 9.13
CA SER A 195 -9.51 -14.64 7.72
C SER A 195 -8.00 -14.49 7.51
N GLU A 196 -7.23 -14.43 8.60
CA GLU A 196 -5.76 -14.27 8.56
C GLU A 196 -5.17 -14.99 9.79
N PRO A 197 -4.09 -15.79 9.63
CA PRO A 197 -3.66 -16.70 10.68
C PRO A 197 -3.06 -16.03 11.94
N SER A 198 -2.49 -14.84 11.78
CA SER A 198 -1.96 -14.01 12.90
C SER A 198 -3.09 -13.74 13.91
N LEU A 199 -4.20 -13.18 13.43
CA LEU A 199 -5.48 -12.94 14.18
C LEU A 199 -6.02 -14.26 14.75
N ALA A 200 -6.23 -15.26 13.90
CA ALA A 200 -6.88 -16.55 14.23
C ALA A 200 -6.16 -17.22 15.40
N SER A 201 -4.82 -17.26 15.36
CA SER A 201 -3.94 -17.68 16.48
C SER A 201 -4.26 -16.84 17.72
N ARG A 202 -4.19 -15.51 17.58
CA ARG A 202 -4.34 -14.53 18.68
C ARG A 202 -5.72 -14.65 19.36
N LEU A 203 -6.72 -15.22 18.67
CA LEU A 203 -8.12 -15.33 19.16
C LEU A 203 -8.31 -16.64 19.96
N ARG A 204 -7.33 -17.54 19.92
CA ARG A 204 -7.43 -18.89 20.54
C ARG A 204 -6.85 -18.85 21.96
N ASN A 205 -7.43 -19.63 22.88
CA ASN A 205 -6.78 -20.07 24.14
C ASN A 205 -5.81 -21.20 23.78
N LEU A 206 -4.53 -20.88 23.60
CA LEU A 206 -3.44 -21.82 23.21
C LEU A 206 -2.68 -22.31 24.45
N SER A 207 -2.63 -21.51 25.53
CA SER A 207 -1.95 -21.87 26.81
C SER A 207 -2.74 -22.98 27.53
N SER A 208 -3.96 -23.29 27.09
CA SER A 208 -4.73 -24.50 27.46
C SER A 208 -4.85 -25.39 26.23
N PRO A 209 -4.68 -26.73 26.38
CA PRO A 209 -4.70 -27.64 25.23
C PRO A 209 -6.11 -28.17 24.93
N LEU A 210 -7.13 -27.31 25.07
CA LEU A 210 -8.57 -27.69 24.99
C LEU A 210 -9.19 -27.08 23.73
N GLY A 211 -8.37 -26.46 22.85
CA GLY A 211 -8.81 -25.82 21.60
C GLY A 211 -9.92 -24.82 21.84
N LEU A 212 -9.84 -24.09 22.96
CA LEU A 212 -10.83 -23.04 23.37
C LEU A 212 -10.50 -21.74 22.63
N MET A 213 -11.54 -20.96 22.31
CA MET A 213 -11.36 -19.55 21.88
C MET A 213 -11.15 -18.73 23.16
N ALA A 214 -10.21 -17.78 23.13
CA ALA A 214 -9.96 -16.81 24.21
C ALA A 214 -11.29 -16.13 24.56
N VAL A 215 -11.54 -15.94 25.86
CA VAL A 215 -12.75 -15.27 26.43
C VAL A 215 -12.31 -14.08 27.27
N ASN A 216 -13.24 -13.17 27.61
CA ASN A 216 -12.95 -11.96 28.39
C ASN A 216 -12.55 -12.39 29.80
N GLN A 217 -11.51 -11.75 30.36
CA GLN A 217 -10.98 -12.04 31.72
C GLN A 217 -11.29 -10.89 32.68
N GLU A 218 -11.90 -9.81 32.19
CA GLU A 218 -12.20 -8.60 33.00
C GLU A 218 -13.69 -8.58 33.40
N ALA A 219 -14.57 -9.25 32.65
CA ALA A 219 -16.04 -9.22 32.91
C ALA A 219 -16.69 -10.52 32.45
N TRP A 220 -17.87 -10.78 32.99
CA TRP A 220 -18.64 -12.05 32.82
C TRP A 220 -20.14 -11.70 32.81
N ASP A 221 -20.96 -12.51 32.14
CA ASP A 221 -22.41 -12.28 31.98
C ASP A 221 -23.13 -13.37 32.77
N HIS A 222 -23.24 -13.18 34.09
CA HIS A 222 -23.74 -14.19 35.07
C HIS A 222 -23.02 -15.51 34.84
N GLY A 223 -21.67 -15.49 34.79
CA GLY A 223 -20.82 -16.68 34.65
C GLY A 223 -20.60 -17.11 33.19
N LEU A 224 -21.27 -16.48 32.23
CA LEU A 224 -21.12 -16.79 30.78
C LEU A 224 -20.18 -15.80 30.11
N ALA A 225 -19.48 -16.27 29.08
CA ALA A 225 -18.28 -15.64 28.47
C ALA A 225 -18.68 -14.42 27.60
N TYR A 226 -17.81 -13.41 27.60
CA TYR A 226 -17.80 -12.29 26.64
C TYR A 226 -16.56 -12.46 25.76
N LEU A 227 -16.55 -11.84 24.58
CA LEU A 227 -15.34 -11.80 23.72
C LEU A 227 -14.28 -11.00 24.45
N PRO A 228 -12.97 -11.24 24.20
CA PRO A 228 -11.92 -10.40 24.79
C PRO A 228 -12.11 -8.95 24.34
N PHE A 229 -11.44 -8.01 25.01
CA PHE A 229 -11.43 -6.59 24.61
C PHE A 229 -10.33 -6.35 23.58
N ASN A 230 -10.69 -5.63 22.51
CA ASN A 230 -9.77 -5.02 21.53
C ASN A 230 -8.95 -3.92 22.23
N ASN A 231 -7.69 -4.21 22.57
CA ASN A 231 -6.76 -3.28 23.26
C ASN A 231 -6.24 -2.18 22.31
N LYS A 232 -6.51 -2.29 21.00
CA LYS A 232 -6.00 -1.34 19.99
C LYS A 232 -6.74 0.00 20.14
N LYS A 233 -5.96 1.09 20.21
CA LYS A 233 -6.44 2.48 20.47
C LYS A 233 -6.13 3.35 19.25
N PRO A 234 -6.92 4.43 18.99
CA PRO A 234 -8.04 4.84 19.84
C PRO A 234 -9.32 4.00 19.60
N SER A 235 -9.93 3.51 20.68
CA SER A 235 -11.15 2.66 20.67
C SER A 235 -12.40 3.51 20.51
N PRO A 236 -13.19 3.35 19.43
CA PRO A 236 -14.41 4.14 19.24
C PRO A 236 -15.54 3.72 20.22
N CYS A 237 -15.49 2.50 20.75
CA CYS A 237 -16.51 2.00 21.69
C CYS A 237 -16.38 2.72 23.04
N GLU A 238 -15.15 3.10 23.43
CA GLU A 238 -14.99 3.86 24.70
C GLU A 238 -15.22 5.34 24.40
N PHE A 239 -15.02 5.79 23.15
CA PHE A 239 -15.27 7.19 22.73
C PHE A 239 -16.75 7.56 22.93
N ILE A 240 -17.66 6.63 22.70
CA ILE A 240 -19.11 6.96 22.63
C ILE A 240 -19.64 7.21 24.05
N ASN A 241 -19.08 6.56 25.07
CA ASN A 241 -19.26 6.94 26.51
C ASN A 241 -17.91 6.86 27.25
N THR A 242 -17.16 7.97 27.34
CA THR A 242 -15.79 8.03 27.93
C THR A 242 -15.79 7.70 29.43
N THR A 243 -16.92 7.84 30.12
CA THR A 243 -17.08 7.49 31.56
C THR A 243 -17.02 5.98 31.72
N ALA A 244 -17.83 5.24 30.96
CA ALA A 244 -17.89 3.75 30.95
C ALA A 244 -16.53 3.18 30.50
N ARG A 245 -15.89 3.83 29.54
CA ARG A 245 -14.55 3.49 28.97
C ARG A 245 -14.46 1.99 28.72
N VAL A 246 -15.47 1.42 28.05
CA VAL A 246 -15.54 -0.03 27.69
C VAL A 246 -15.09 -0.21 26.24
N PRO A 247 -14.03 -1.00 25.98
CA PRO A 247 -13.52 -1.18 24.63
C PRO A 247 -14.45 -2.00 23.75
N CYS A 248 -14.19 -1.99 22.43
CA CYS A 248 -14.85 -2.90 21.45
C CYS A 248 -14.37 -4.34 21.71
N PHE A 249 -15.19 -5.32 21.33
CA PHE A 249 -14.83 -6.76 21.42
C PHE A 249 -13.87 -7.13 20.27
N LEU A 250 -12.94 -8.03 20.55
CA LEU A 250 -12.00 -8.62 19.55
C LEU A 250 -12.64 -9.90 19.00
N ALA A 251 -12.89 -9.94 17.70
CA ALA A 251 -13.53 -11.08 17.00
C ALA A 251 -12.78 -11.40 15.70
N GLY A 252 -13.19 -12.49 15.06
CA GLY A 252 -12.66 -12.96 13.77
C GLY A 252 -12.88 -11.93 12.69
N ASP A 253 -13.93 -11.12 12.85
CA ASP A 253 -14.29 -10.04 11.91
C ASP A 253 -14.10 -8.68 12.59
N PHE A 254 -13.51 -7.77 11.82
CA PHE A 254 -13.14 -6.38 12.17
C PHE A 254 -14.35 -5.61 12.72
N ARG A 255 -15.57 -5.91 12.27
CA ARG A 255 -16.78 -5.05 12.42
C ARG A 255 -17.69 -5.50 13.57
N ALA A 256 -17.20 -6.36 14.47
CA ALA A 256 -18.04 -7.13 15.41
C ALA A 256 -18.86 -6.20 16.31
N SER A 257 -18.29 -5.07 16.72
CA SER A 257 -18.88 -4.15 17.72
C SER A 257 -19.61 -3.00 17.03
N GLU A 258 -19.83 -3.09 15.71
CA GLU A 258 -20.46 -2.00 14.90
C GLU A 258 -21.81 -1.60 15.51
N GLN A 259 -22.55 -2.55 16.07
CA GLN A 259 -23.83 -2.28 16.78
C GLN A 259 -24.11 -3.43 17.74
N ILE A 260 -24.82 -3.15 18.82
CA ILE A 260 -24.84 -3.98 20.06
C ILE A 260 -25.31 -5.41 19.74
N LEU A 261 -26.31 -5.56 18.88
CA LEU A 261 -26.94 -6.88 18.58
C LEU A 261 -26.02 -7.72 17.71
N LEU A 262 -25.12 -7.10 16.96
CA LEU A 262 -24.11 -7.82 16.15
C LEU A 262 -23.09 -8.40 17.12
N ALA A 263 -22.54 -7.58 18.00
CA ALA A 263 -21.65 -7.99 19.13
C ALA A 263 -22.29 -9.14 19.92
N THR A 264 -23.60 -9.07 20.14
CA THR A 264 -24.41 -10.09 20.86
C THR A 264 -24.35 -11.43 20.13
N ALA A 265 -24.66 -11.42 18.83
CA ALA A 265 -24.66 -12.62 17.95
C ALA A 265 -23.25 -13.20 17.93
N HIS A 266 -22.22 -12.34 17.87
CA HIS A 266 -20.79 -12.75 17.91
C HIS A 266 -20.51 -13.47 19.23
N THR A 267 -21.15 -13.03 20.32
CA THR A 267 -21.01 -13.60 21.69
C THR A 267 -21.63 -15.02 21.69
N LEU A 268 -22.83 -15.20 21.13
CA LEU A 268 -23.49 -16.54 21.05
C LEU A 268 -22.58 -17.51 20.29
N LEU A 269 -22.10 -17.11 19.10
CA LEU A 269 -21.27 -17.97 18.20
C LEU A 269 -19.99 -18.40 18.93
N LEU A 270 -19.38 -17.52 19.73
CA LEU A 270 -18.09 -17.78 20.42
C LEU A 270 -18.35 -18.79 21.54
N ARG A 271 -19.38 -18.53 22.32
CA ARG A 271 -19.80 -19.42 23.44
C ARG A 271 -20.05 -20.83 22.89
N GLU A 272 -20.62 -20.93 21.69
CA GLU A 272 -21.02 -22.21 21.05
C GLU A 272 -19.77 -22.99 20.63
N HIS A 273 -18.70 -22.33 20.21
CA HIS A 273 -17.42 -22.98 19.83
C HIS A 273 -16.81 -23.62 21.07
N ASN A 274 -16.73 -22.85 22.15
CA ASN A 274 -16.20 -23.29 23.46
C ASN A 274 -17.09 -24.40 24.03
N ARG A 275 -18.42 -24.26 23.90
CA ARG A 275 -19.37 -25.33 24.35
C ARG A 275 -19.10 -26.62 23.56
N LEU A 276 -18.80 -26.50 22.27
CA LEU A 276 -18.50 -27.64 21.37
C LEU A 276 -17.16 -28.29 21.78
N ALA A 277 -16.17 -27.49 22.17
CA ALA A 277 -14.80 -27.94 22.48
C ALA A 277 -14.79 -28.79 23.77
N ARG A 278 -15.55 -28.37 24.79
CA ARG A 278 -15.56 -29.03 26.13
C ARG A 278 -16.53 -30.22 26.11
N GLU A 279 -17.39 -30.32 25.10
CA GLU A 279 -18.29 -31.49 24.86
C GLU A 279 -17.51 -32.57 24.08
N LEU A 280 -16.64 -32.15 23.16
CA LEU A 280 -15.78 -33.06 22.36
C LEU A 280 -14.60 -33.53 23.21
N LYS A 281 -14.22 -32.77 24.25
CA LYS A 281 -13.16 -33.14 25.23
C LYS A 281 -13.65 -34.35 26.06
N LYS A 282 -14.91 -34.29 26.52
CA LYS A 282 -15.60 -35.38 27.25
C LYS A 282 -15.65 -36.64 26.38
N LEU A 283 -16.07 -36.49 25.11
CA LEU A 283 -16.28 -37.61 24.17
C LEU A 283 -14.93 -38.16 23.69
N ASN A 284 -13.87 -37.34 23.58
CA ASN A 284 -12.53 -37.72 23.04
C ASN A 284 -11.40 -37.14 23.89
N PRO A 285 -11.14 -37.66 25.11
CA PRO A 285 -10.13 -37.07 26.01
C PRO A 285 -8.69 -37.03 25.45
N HIS A 286 -8.40 -37.92 24.50
CA HIS A 286 -7.08 -38.13 23.85
C HIS A 286 -6.81 -37.06 22.77
N TRP A 287 -7.86 -36.37 22.31
CA TRP A 287 -7.78 -35.28 21.29
C TRP A 287 -7.06 -34.06 21.89
N ASN A 288 -6.16 -33.43 21.12
CA ASN A 288 -5.31 -32.29 21.55
C ASN A 288 -5.95 -30.97 21.11
N GLY A 289 -5.35 -29.85 21.51
CA GLY A 289 -5.85 -28.47 21.30
C GLY A 289 -6.25 -28.21 19.85
N GLU A 290 -5.34 -28.47 18.91
CA GLU A 290 -5.55 -28.27 17.44
C GLU A 290 -6.82 -29.00 17.00
N LYS A 291 -6.95 -30.28 17.37
CA LYS A 291 -8.02 -31.20 16.91
C LYS A 291 -9.38 -30.73 17.45
N LEU A 292 -9.43 -30.32 18.71
CA LEU A 292 -10.67 -29.82 19.36
C LEU A 292 -11.13 -28.53 18.67
N TYR A 293 -10.23 -27.55 18.56
CA TYR A 293 -10.48 -26.26 17.85
C TYR A 293 -11.05 -26.55 16.46
N GLN A 294 -10.32 -27.34 15.66
CA GLN A 294 -10.61 -27.53 14.22
C GLN A 294 -11.98 -28.23 14.06
N GLU A 295 -12.31 -29.18 14.94
CA GLU A 295 -13.58 -29.96 14.83
C GLU A 295 -14.73 -29.07 15.31
N ALA A 296 -14.54 -28.35 16.43
CA ALA A 296 -15.49 -27.34 16.94
C ALA A 296 -15.77 -26.33 15.83
N ARG A 297 -14.69 -25.76 15.26
CA ARG A 297 -14.71 -24.81 14.12
C ARG A 297 -15.53 -25.41 12.97
N LYS A 298 -15.31 -26.67 12.63
CA LYS A 298 -15.96 -27.36 11.47
C LYS A 298 -17.46 -27.47 11.72
N ILE A 299 -17.85 -27.84 12.95
CA ILE A 299 -19.27 -27.98 13.38
C ILE A 299 -19.94 -26.61 13.28
N LEU A 300 -19.37 -25.59 13.90
CA LEU A 300 -19.94 -24.21 13.92
C LEU A 300 -20.07 -23.73 12.48
N GLY A 301 -19.00 -23.88 11.69
CA GLY A 301 -18.97 -23.65 10.24
C GLY A 301 -20.23 -24.18 9.57
N ALA A 302 -20.60 -25.42 9.88
CA ALA A 302 -21.76 -26.12 9.27
C ALA A 302 -23.07 -25.56 9.83
N PHE A 303 -23.11 -25.19 11.10
CA PHE A 303 -24.31 -24.60 11.76
C PHE A 303 -24.77 -23.38 10.96
N ILE A 304 -23.85 -22.44 10.77
CA ILE A 304 -24.09 -21.16 10.04
C ILE A 304 -24.64 -21.49 8.64
N GLN A 305 -23.99 -22.41 7.90
CA GLN A 305 -24.41 -22.87 6.55
C GLN A 305 -25.85 -23.39 6.56
N ILE A 306 -26.22 -24.20 7.56
CA ILE A 306 -27.55 -24.87 7.62
C ILE A 306 -28.63 -23.84 7.93
N ILE A 307 -28.44 -23.01 8.95
CA ILE A 307 -29.41 -21.94 9.36
C ILE A 307 -29.60 -20.98 8.18
N THR A 308 -28.52 -20.66 7.46
CA THR A 308 -28.51 -19.72 6.32
C THR A 308 -29.36 -20.27 5.16
N PHE A 309 -29.13 -21.53 4.78
CA PHE A 309 -29.71 -22.13 3.55
C PHE A 309 -31.07 -22.76 3.84
N ARG A 310 -31.26 -23.37 5.01
CA ARG A 310 -32.54 -24.04 5.38
C ARG A 310 -33.57 -23.02 5.85
N ASP A 311 -33.18 -22.05 6.69
CA ASP A 311 -34.13 -21.13 7.40
C ASP A 311 -34.14 -19.72 6.78
N TYR A 312 -32.96 -19.16 6.48
CA TYR A 312 -32.81 -17.71 6.16
C TYR A 312 -33.17 -17.41 4.70
N LEU A 313 -32.49 -18.08 3.75
CA LEU A 313 -32.57 -17.74 2.30
C LEU A 313 -33.97 -18.02 1.76
N PRO A 314 -34.66 -19.09 2.20
CA PRO A 314 -36.05 -19.31 1.81
C PRO A 314 -36.97 -18.10 2.06
N ILE A 315 -36.79 -17.37 3.17
CA ILE A 315 -37.67 -16.23 3.54
C ILE A 315 -37.14 -14.92 2.93
N VAL A 316 -35.90 -14.91 2.43
CA VAL A 316 -35.33 -13.78 1.65
C VAL A 316 -35.84 -13.94 0.20
N LEU A 317 -35.54 -15.08 -0.42
CA LEU A 317 -35.72 -15.32 -1.88
C LEU A 317 -37.17 -15.73 -2.19
N GLY A 318 -37.92 -16.26 -1.20
CA GLY A 318 -39.32 -16.68 -1.32
C GLY A 318 -39.55 -17.57 -2.54
N SER A 319 -40.39 -17.10 -3.47
CA SER A 319 -40.79 -17.80 -4.72
C SER A 319 -39.59 -18.12 -5.62
N GLU A 320 -38.45 -17.47 -5.42
CA GLU A 320 -37.25 -17.58 -6.30
C GLU A 320 -36.22 -18.56 -5.72
N MET A 321 -36.49 -19.14 -4.54
CA MET A 321 -35.55 -20.03 -3.80
C MET A 321 -35.11 -21.19 -4.71
N GLN A 322 -36.08 -21.96 -5.21
CA GLN A 322 -35.86 -23.23 -5.98
C GLN A 322 -35.22 -22.92 -7.33
N LYS A 323 -35.53 -21.77 -7.92
CA LYS A 323 -35.00 -21.31 -9.23
C LYS A 323 -33.48 -21.14 -9.16
N TRP A 324 -32.96 -20.55 -8.08
CA TRP A 324 -31.55 -20.07 -7.96
C TRP A 324 -30.71 -21.01 -7.10
N ILE A 325 -31.28 -21.47 -5.98
CA ILE A 325 -30.68 -22.50 -5.07
C ILE A 325 -31.59 -23.73 -5.13
N PRO A 326 -31.41 -24.61 -6.14
CA PRO A 326 -32.13 -25.88 -6.20
C PRO A 326 -31.56 -26.85 -5.16
N PRO A 327 -32.12 -28.08 -5.04
CA PRO A 327 -31.48 -29.15 -4.28
C PRO A 327 -30.02 -29.39 -4.71
N TYR A 328 -29.18 -29.75 -3.74
CA TYR A 328 -27.70 -29.86 -3.85
C TYR A 328 -27.33 -31.11 -4.67
N GLN A 329 -26.44 -30.95 -5.65
CA GLN A 329 -25.95 -32.03 -6.55
C GLN A 329 -24.46 -32.28 -6.34
N GLY A 330 -23.88 -31.80 -5.23
CA GLY A 330 -22.49 -32.10 -4.84
C GLY A 330 -21.50 -31.05 -5.32
N TYR A 331 -20.27 -31.13 -4.82
CA TYR A 331 -19.17 -30.15 -5.06
C TYR A 331 -18.79 -30.13 -6.54
N ASN A 332 -19.06 -29.01 -7.22
CA ASN A 332 -18.64 -28.73 -8.62
C ASN A 332 -17.40 -27.82 -8.54
N ASN A 333 -16.20 -28.37 -8.76
CA ASN A 333 -14.92 -27.65 -8.54
C ASN A 333 -14.66 -26.64 -9.67
N SER A 334 -15.54 -26.52 -10.67
CA SER A 334 -15.39 -25.56 -11.79
C SER A 334 -16.25 -24.31 -11.56
N VAL A 335 -17.07 -24.29 -10.51
CA VAL A 335 -17.89 -23.10 -10.10
C VAL A 335 -16.97 -22.12 -9.35
N ASP A 336 -17.15 -20.82 -9.63
CA ASP A 336 -16.38 -19.70 -9.01
C ASP A 336 -16.95 -19.46 -7.61
N PRO A 337 -16.20 -19.77 -6.53
CA PRO A 337 -16.71 -19.60 -5.16
C PRO A 337 -16.63 -18.14 -4.69
N ARG A 338 -15.89 -17.29 -5.40
CA ARG A 338 -15.55 -15.89 -4.99
C ARG A 338 -16.81 -15.04 -4.88
N ILE A 339 -16.85 -14.13 -3.90
CA ILE A 339 -17.94 -13.14 -3.76
C ILE A 339 -17.73 -12.08 -4.83
N SER A 340 -18.77 -11.76 -5.58
CA SER A 340 -18.77 -10.71 -6.61
C SER A 340 -18.82 -9.33 -5.93
N ASN A 341 -18.26 -8.32 -6.61
CA ASN A 341 -18.36 -6.89 -6.24
C ASN A 341 -19.85 -6.57 -6.04
N VAL A 342 -20.72 -6.92 -6.98
CA VAL A 342 -22.16 -6.50 -7.00
C VAL A 342 -22.91 -7.14 -5.81
N PHE A 343 -22.53 -8.35 -5.40
CA PHE A 343 -23.19 -9.03 -4.27
C PHE A 343 -23.07 -8.15 -3.02
N THR A 344 -21.88 -7.60 -2.77
CA THR A 344 -21.58 -6.75 -1.59
C THR A 344 -22.55 -5.55 -1.51
N PHE A 345 -23.17 -5.15 -2.62
CA PHE A 345 -24.20 -4.08 -2.66
C PHE A 345 -25.61 -4.70 -2.64
N ALA A 346 -25.79 -5.85 -3.28
CA ALA A 346 -27.06 -6.60 -3.28
C ALA A 346 -27.47 -6.92 -1.84
N PHE A 347 -26.53 -7.43 -1.05
CA PHE A 347 -26.80 -7.92 0.34
C PHE A 347 -27.06 -6.76 1.30
N ARG A 348 -26.82 -5.51 0.88
CA ARG A 348 -27.11 -4.29 1.66
C ARG A 348 -28.62 -3.96 1.61
N PHE A 349 -29.45 -4.85 1.08
CA PHE A 349 -30.92 -4.82 1.29
C PHE A 349 -31.18 -4.82 2.81
N GLY A 350 -30.26 -5.41 3.58
CA GLY A 350 -30.35 -5.46 5.05
C GLY A 350 -30.61 -4.10 5.68
N HIS A 351 -30.06 -3.05 5.08
CA HIS A 351 -30.05 -1.68 5.65
C HIS A 351 -31.49 -1.16 5.78
N MET A 352 -32.43 -1.68 5.00
CA MET A 352 -33.85 -1.21 4.99
C MET A 352 -34.71 -2.08 5.92
N GLU A 353 -34.07 -3.02 6.63
CA GLU A 353 -34.73 -3.98 7.56
C GLU A 353 -34.39 -3.64 9.01
N VAL A 354 -33.53 -2.63 9.21
CA VAL A 354 -33.05 -2.18 10.55
C VAL A 354 -34.05 -1.17 11.09
N PRO A 355 -34.72 -1.46 12.23
CA PRO A 355 -35.70 -0.54 12.81
C PRO A 355 -34.97 0.46 13.71
N SER A 356 -35.71 1.46 14.20
CA SER A 356 -35.16 2.67 14.88
C SER A 356 -34.79 2.39 16.34
N THR A 357 -35.19 1.25 16.91
CA THR A 357 -34.99 0.97 18.35
C THR A 357 -34.57 -0.49 18.59
N VAL A 358 -33.85 -0.70 19.68
CA VAL A 358 -33.47 -2.04 20.22
C VAL A 358 -34.01 -2.10 21.65
N SER A 359 -34.78 -3.14 21.97
CA SER A 359 -35.44 -3.36 23.28
C SER A 359 -34.61 -4.35 24.10
N ARG A 360 -34.46 -4.09 25.40
CA ARG A 360 -34.08 -5.14 26.40
C ARG A 360 -35.36 -5.63 27.08
N LEU A 361 -35.56 -6.95 27.10
CA LEU A 361 -36.78 -7.60 27.68
C LEU A 361 -36.35 -8.51 28.83
N ASP A 362 -37.15 -8.55 29.91
CA ASP A 362 -36.84 -9.32 31.14
C ASP A 362 -37.27 -10.79 30.93
N GLU A 363 -37.32 -11.57 32.01
CA GLU A 363 -37.55 -13.05 31.98
C GLU A 363 -38.98 -13.35 31.53
N ASN A 364 -39.91 -12.40 31.74
CA ASN A 364 -41.33 -12.49 31.27
C ASN A 364 -41.51 -11.79 29.91
N TYR A 365 -40.41 -11.48 29.21
CA TYR A 365 -40.37 -10.70 27.94
C TYR A 365 -41.17 -9.39 28.12
N GLN A 366 -40.96 -8.72 29.26
CA GLN A 366 -41.48 -7.36 29.55
C GLN A 366 -40.30 -6.39 29.45
N PRO A 367 -40.56 -5.08 29.20
CA PRO A 367 -39.51 -4.06 29.32
C PRO A 367 -38.61 -4.26 30.55
N TRP A 368 -37.30 -4.36 30.33
CA TRP A 368 -36.24 -4.57 31.34
C TRP A 368 -35.67 -3.21 31.77
N GLY A 369 -35.79 -2.88 33.06
CA GLY A 369 -35.46 -1.55 33.60
C GLY A 369 -36.37 -0.46 33.06
N PRO A 370 -36.13 0.82 33.43
CA PRO A 370 -36.93 1.94 32.94
C PRO A 370 -36.64 2.25 31.46
N GLU A 371 -35.35 2.25 31.09
CA GLU A 371 -34.84 2.54 29.72
C GLU A 371 -34.76 1.25 28.89
N ALA A 372 -35.85 0.51 28.72
CA ALA A 372 -35.87 -0.78 28.00
C ALA A 372 -35.56 -0.54 26.52
N GLU A 373 -36.30 0.40 25.90
CA GLU A 373 -36.29 0.70 24.45
C GLU A 373 -35.28 1.82 24.19
N LEU A 374 -34.17 1.51 23.51
CA LEU A 374 -33.07 2.46 23.21
C LEU A 374 -33.06 2.78 21.71
N PRO A 375 -32.88 4.05 21.32
CA PRO A 375 -32.81 4.38 19.90
C PRO A 375 -31.50 3.81 19.33
N LEU A 376 -31.59 3.31 18.09
CA LEU A 376 -30.52 2.49 17.46
C LEU A 376 -29.22 3.27 17.48
N HIS A 377 -29.26 4.58 17.23
CA HIS A 377 -28.06 5.42 16.99
C HIS A 377 -27.19 5.48 18.25
N THR A 378 -27.75 5.19 19.43
CA THR A 378 -26.98 5.21 20.70
C THR A 378 -26.21 3.91 20.84
N LEU A 379 -26.46 2.91 19.99
CA LEU A 379 -25.92 1.53 20.15
C LEU A 379 -24.87 1.23 19.07
N PHE A 380 -24.43 2.23 18.29
CA PHE A 380 -23.27 2.10 17.39
C PHE A 380 -21.99 2.09 18.23
N PHE A 381 -21.18 1.05 18.07
CA PHE A 381 -19.91 0.82 18.80
C PHE A 381 -20.17 0.89 20.30
N ASN A 382 -21.28 0.30 20.75
CA ASN A 382 -21.73 0.33 22.16
C ASN A 382 -21.57 -1.06 22.80
N THR A 383 -20.47 -1.24 23.55
CA THR A 383 -20.19 -2.46 24.33
C THR A 383 -20.56 -2.27 25.82
N TRP A 384 -20.59 -1.03 26.34
CA TRP A 384 -20.87 -0.76 27.77
C TRP A 384 -22.29 -1.18 28.15
N ARG A 385 -23.27 -0.93 27.27
CA ARG A 385 -24.69 -1.31 27.46
C ARG A 385 -24.82 -2.83 27.65
N ILE A 386 -23.85 -3.61 27.18
CA ILE A 386 -23.80 -5.09 27.42
C ILE A 386 -23.11 -5.32 28.77
N ILE A 387 -21.85 -4.91 28.89
CA ILE A 387 -20.97 -5.20 30.07
C ILE A 387 -21.66 -4.70 31.35
N LYS A 388 -22.19 -3.47 31.33
CA LYS A 388 -22.62 -2.74 32.56
C LYS A 388 -24.15 -2.64 32.68
N ASP A 389 -24.93 -3.24 31.76
CA ASP A 389 -26.42 -3.13 31.73
C ASP A 389 -27.06 -4.45 31.27
N GLY A 390 -26.93 -5.55 32.04
CA GLY A 390 -27.81 -6.73 31.98
C GLY A 390 -27.27 -7.92 31.20
N GLY A 391 -26.09 -7.79 30.57
CA GLY A 391 -25.53 -8.83 29.68
C GLY A 391 -26.28 -8.90 28.35
N ILE A 392 -26.29 -10.07 27.70
CA ILE A 392 -26.83 -10.23 26.30
C ILE A 392 -28.24 -10.83 26.34
N ASP A 393 -28.67 -11.37 27.49
CA ASP A 393 -29.94 -12.13 27.58
C ASP A 393 -31.11 -11.20 27.28
N PRO A 394 -31.21 -10.01 27.92
CA PRO A 394 -32.33 -9.10 27.63
C PRO A 394 -32.34 -8.71 26.15
N LEU A 395 -31.15 -8.55 25.56
CA LEU A 395 -30.97 -8.15 24.14
C LEU A 395 -31.41 -9.33 23.25
N VAL A 396 -31.06 -10.56 23.62
CA VAL A 396 -31.42 -11.78 22.83
C VAL A 396 -32.94 -11.96 22.84
N ARG A 397 -33.61 -11.69 23.96
CA ARG A 397 -35.09 -11.79 24.04
C ARG A 397 -35.69 -10.78 23.06
N GLY A 398 -35.12 -9.57 23.03
CA GLY A 398 -35.48 -8.53 22.05
C GLY A 398 -35.44 -9.06 20.62
N LEU A 399 -34.41 -9.85 20.28
CA LEU A 399 -34.20 -10.38 18.90
C LEU A 399 -35.36 -11.31 18.51
N LEU A 400 -35.87 -12.09 19.47
CA LEU A 400 -36.94 -13.10 19.24
C LEU A 400 -38.32 -12.43 19.21
N ALA A 401 -38.54 -11.43 20.07
CA ALA A 401 -39.89 -10.91 20.43
C ALA A 401 -40.18 -9.60 19.67
N LYS A 402 -39.16 -8.86 19.23
CA LYS A 402 -39.36 -7.62 18.44
C LYS A 402 -39.27 -7.94 16.95
N LYS A 403 -39.80 -7.05 16.13
CA LYS A 403 -39.86 -7.23 14.66
C LYS A 403 -38.72 -6.43 14.00
N SER A 404 -38.14 -7.01 12.96
CA SER A 404 -37.37 -6.32 11.89
C SER A 404 -38.22 -5.19 11.30
N LYS A 405 -37.57 -4.15 10.78
CA LYS A 405 -38.25 -3.12 9.94
C LYS A 405 -38.56 -3.79 8.60
N LEU A 406 -39.70 -3.46 8.00
CA LEU A 406 -40.08 -3.91 6.65
C LEU A 406 -39.56 -2.89 5.64
N MET A 407 -38.93 -3.36 4.56
CA MET A 407 -38.59 -2.51 3.39
C MET A 407 -39.89 -1.88 2.90
N ASN A 408 -39.87 -0.58 2.60
CA ASN A 408 -41.08 0.20 2.23
C ASN A 408 -40.65 1.33 1.27
N GLN A 409 -41.24 1.39 0.08
CA GLN A 409 -40.86 2.33 -1.01
C GLN A 409 -41.01 3.78 -0.54
N ASP A 410 -41.89 4.04 0.44
CA ASP A 410 -42.12 5.40 1.03
C ASP A 410 -41.32 5.58 2.32
N LYS A 411 -40.78 4.50 2.89
CA LYS A 411 -39.99 4.51 4.16
C LYS A 411 -38.82 3.51 4.11
N MET A 412 -37.69 3.90 3.51
CA MET A 412 -36.62 2.96 3.10
C MET A 412 -35.59 2.74 4.23
N VAL A 413 -34.92 3.80 4.69
CA VAL A 413 -33.87 3.71 5.74
C VAL A 413 -34.17 4.69 6.88
N THR A 414 -34.25 4.16 8.11
CA THR A 414 -34.52 4.94 9.34
C THR A 414 -33.44 6.03 9.48
N SER A 415 -33.83 7.21 9.98
CA SER A 415 -32.92 8.35 10.26
C SER A 415 -31.82 7.92 11.25
N GLU A 416 -32.07 6.88 12.05
CA GLU A 416 -31.04 6.32 12.97
C GLU A 416 -29.80 5.95 12.13
N LEU A 417 -29.99 5.42 10.92
CA LEU A 417 -28.88 5.07 9.98
C LEU A 417 -28.65 6.20 8.98
N ARG A 418 -29.71 6.90 8.55
CA ARG A 418 -29.64 7.85 7.42
C ARG A 418 -29.09 9.20 7.87
N ASN A 419 -29.23 9.58 9.14
CA ASN A 419 -28.70 10.88 9.63
C ASN A 419 -27.75 10.72 10.81
N LYS A 420 -27.84 9.64 11.57
CA LYS A 420 -27.22 9.58 12.92
C LYS A 420 -26.24 8.41 12.99
N LEU A 421 -25.75 7.91 11.84
CA LEU A 421 -24.77 6.80 11.83
C LEU A 421 -23.47 7.32 12.45
N PHE A 422 -22.81 6.49 13.26
CA PHE A 422 -21.47 6.77 13.82
C PHE A 422 -20.44 5.95 13.05
N GLN A 423 -19.37 6.60 12.58
CA GLN A 423 -18.21 5.96 11.92
C GLN A 423 -17.04 5.90 12.91
N PRO A 424 -16.37 4.74 13.03
CA PRO A 424 -15.34 4.53 14.04
C PRO A 424 -14.16 5.53 14.14
N THR A 425 -13.85 6.29 13.10
CA THR A 425 -12.65 7.20 13.11
C THR A 425 -13.04 8.66 13.35
N HIS A 426 -14.34 8.96 13.24
CA HIS A 426 -14.87 10.34 13.32
C HIS A 426 -15.61 10.49 14.66
N LYS A 427 -16.06 11.70 14.99
CA LYS A 427 -16.44 12.10 16.37
C LYS A 427 -17.97 12.22 16.51
N ILE A 428 -18.71 12.30 15.41
CA ILE A 428 -20.13 12.77 15.41
C ILE A 428 -21.05 11.61 15.02
N HIS A 429 -22.25 11.58 15.61
CA HIS A 429 -23.38 10.70 15.21
C HIS A 429 -24.13 11.37 14.06
N GLY A 430 -23.48 11.54 12.91
CA GLY A 430 -23.95 12.48 11.86
C GLY A 430 -23.85 11.96 10.43
N PHE A 431 -23.54 10.68 10.21
CA PHE A 431 -23.32 10.11 8.85
C PHE A 431 -24.62 9.51 8.31
N ASP A 432 -24.64 9.21 7.00
CA ASP A 432 -25.80 8.70 6.23
C ASP A 432 -25.40 7.40 5.53
N LEU A 433 -25.83 6.26 6.05
CA LEU A 433 -25.45 4.93 5.50
C LEU A 433 -25.94 4.82 4.06
N ALA A 434 -27.12 5.36 3.73
CA ALA A 434 -27.70 5.27 2.38
C ALA A 434 -26.81 6.04 1.40
N ALA A 435 -26.46 7.28 1.75
CA ALA A 435 -25.56 8.15 0.95
C ALA A 435 -24.22 7.42 0.74
N ILE A 436 -23.68 6.84 1.80
CA ILE A 436 -22.40 6.08 1.76
C ILE A 436 -22.56 4.91 0.79
N ASN A 437 -23.71 4.22 0.80
CA ASN A 437 -23.98 3.07 -0.11
C ASN A 437 -23.91 3.57 -1.58
N LEU A 438 -24.63 4.63 -1.90
CA LEU A 438 -24.64 5.18 -3.29
C LEU A 438 -23.21 5.63 -3.66
N GLN A 439 -22.52 6.34 -2.77
CA GLN A 439 -21.13 6.80 -3.03
C GLN A 439 -20.25 5.56 -3.29
N ARG A 440 -20.49 4.49 -2.54
CA ARG A 440 -19.61 3.29 -2.50
C ARG A 440 -19.82 2.47 -3.77
N CYS A 441 -21.05 2.40 -4.29
CA CYS A 441 -21.36 1.80 -5.60
C CYS A 441 -20.46 2.44 -6.67
N ARG A 442 -20.38 3.77 -6.66
CA ARG A 442 -19.57 4.54 -7.64
C ARG A 442 -18.09 4.23 -7.41
N ASP A 443 -17.61 4.32 -6.16
CA ASP A 443 -16.23 3.96 -5.76
C ASP A 443 -15.88 2.59 -6.35
N HIS A 444 -16.80 1.62 -6.31
CA HIS A 444 -16.56 0.21 -6.71
C HIS A 444 -16.77 0.06 -8.22
N GLY A 445 -16.92 1.17 -8.97
CA GLY A 445 -17.15 1.14 -10.42
C GLY A 445 -18.30 0.22 -10.79
N MET A 446 -19.41 0.30 -10.06
CA MET A 446 -20.62 -0.53 -10.29
C MET A 446 -21.29 -0.12 -11.59
N PRO A 447 -21.59 -1.08 -12.48
CA PRO A 447 -22.57 -0.87 -13.54
C PRO A 447 -23.93 -0.45 -13.01
N GLY A 448 -24.74 0.17 -13.88
CA GLY A 448 -26.06 0.73 -13.53
C GLY A 448 -27.13 -0.32 -13.31
N TYR A 449 -28.31 0.14 -12.92
CA TYR A 449 -29.54 -0.65 -12.69
C TYR A 449 -29.78 -1.55 -13.91
N ASN A 450 -29.89 -0.96 -15.11
CA ASN A 450 -30.29 -1.68 -16.35
C ASN A 450 -29.21 -2.70 -16.72
N SER A 451 -27.94 -2.35 -16.61
CA SER A 451 -26.83 -3.30 -16.77
C SER A 451 -27.11 -4.58 -15.99
N TRP A 452 -27.53 -4.47 -14.73
CA TRP A 452 -27.81 -5.61 -13.82
C TRP A 452 -29.18 -6.21 -14.11
N ARG A 453 -30.16 -5.39 -14.46
CA ARG A 453 -31.47 -5.88 -14.98
C ARG A 453 -31.18 -6.84 -16.15
N GLY A 454 -30.43 -6.34 -17.14
CA GLY A 454 -29.97 -7.12 -18.31
C GLY A 454 -29.30 -8.41 -17.90
N PHE A 455 -28.28 -8.33 -17.04
CA PHE A 455 -27.50 -9.49 -16.51
C PHE A 455 -28.42 -10.56 -15.93
N CYS A 456 -29.63 -10.19 -15.50
CA CYS A 456 -30.63 -11.08 -14.85
C CYS A 456 -31.79 -11.37 -15.81
N GLY A 457 -31.63 -11.00 -17.09
CA GLY A 457 -32.61 -11.25 -18.16
C GLY A 457 -33.97 -10.69 -17.79
N LEU A 458 -33.99 -9.52 -17.16
CA LEU A 458 -35.21 -8.77 -16.80
C LEU A 458 -35.29 -7.54 -17.71
N SER A 459 -36.50 -6.99 -17.87
CA SER A 459 -36.75 -5.82 -18.77
C SER A 459 -35.89 -4.63 -18.31
N GLN A 460 -35.51 -3.78 -19.28
CA GLN A 460 -34.59 -2.61 -19.10
C GLN A 460 -35.33 -1.30 -19.41
N PRO A 461 -36.17 -0.76 -18.50
CA PRO A 461 -36.94 0.45 -18.76
C PRO A 461 -36.07 1.67 -19.09
N LYS A 462 -36.48 2.42 -20.11
CA LYS A 462 -35.75 3.62 -20.61
C LYS A 462 -36.57 4.87 -20.34
N THR A 463 -37.78 4.74 -19.78
CA THR A 463 -38.75 5.86 -19.65
C THR A 463 -39.37 5.91 -18.24
N LEU A 464 -39.85 7.09 -17.84
CA LEU A 464 -40.70 7.30 -16.64
C LEU A 464 -41.76 6.20 -16.57
N LYS A 465 -42.58 6.05 -17.61
CA LYS A 465 -43.74 5.11 -17.64
C LYS A 465 -43.25 3.67 -17.48
N GLY A 466 -42.16 3.31 -18.16
CA GLY A 466 -41.57 1.97 -18.09
C GLY A 466 -41.06 1.65 -16.70
N LEU A 467 -40.44 2.62 -16.04
CA LEU A 467 -39.95 2.51 -14.64
C LEU A 467 -41.16 2.40 -13.70
N GLN A 468 -42.15 3.29 -13.84
CA GLN A 468 -43.42 3.25 -13.05
C GLN A 468 -43.96 1.82 -13.03
N THR A 469 -43.87 1.14 -14.18
CA THR A 469 -44.43 -0.22 -14.42
C THR A 469 -43.68 -1.23 -13.56
N VAL A 470 -42.34 -1.21 -13.61
CA VAL A 470 -41.44 -2.16 -12.88
C VAL A 470 -41.58 -1.95 -11.37
N LEU A 471 -41.62 -0.69 -10.93
CA LEU A 471 -41.63 -0.32 -9.48
C LEU A 471 -43.06 -0.33 -8.94
N LYS A 472 -44.08 -0.43 -9.80
CA LYS A 472 -45.51 -0.36 -9.41
C LYS A 472 -45.70 0.82 -8.45
N ASN A 473 -45.05 1.94 -8.75
CA ASN A 473 -45.08 3.18 -7.95
C ASN A 473 -44.77 4.33 -8.92
N LYS A 474 -45.65 5.33 -8.98
CA LYS A 474 -45.54 6.46 -9.93
C LYS A 474 -44.61 7.51 -9.32
N ILE A 475 -44.84 7.87 -8.06
CA ILE A 475 -44.14 8.98 -7.36
C ILE A 475 -42.67 8.61 -7.16
N LEU A 476 -42.37 7.34 -6.85
CA LEU A 476 -40.97 6.82 -6.69
C LEU A 476 -40.25 6.92 -8.03
N ALA A 477 -40.87 6.43 -9.10
CA ALA A 477 -40.31 6.44 -10.47
C ALA A 477 -40.01 7.88 -10.88
N LYS A 478 -40.95 8.80 -10.67
CA LYS A 478 -40.83 10.24 -11.02
C LYS A 478 -39.61 10.83 -10.32
N LYS A 479 -39.46 10.56 -9.01
CA LYS A 479 -38.36 11.09 -8.16
C LYS A 479 -37.04 10.56 -8.70
N LEU A 480 -36.98 9.25 -9.01
CA LEU A 480 -35.78 8.59 -9.56
C LEU A 480 -35.40 9.23 -10.89
N MET A 481 -36.37 9.51 -11.76
CA MET A 481 -36.10 10.11 -13.09
C MET A 481 -35.61 11.56 -12.90
N ASP A 482 -36.26 12.35 -12.05
CA ASP A 482 -35.87 13.77 -11.80
C ASP A 482 -34.39 13.85 -11.41
N LEU A 483 -33.86 12.82 -10.74
CA LEU A 483 -32.47 12.81 -10.18
C LEU A 483 -31.48 12.15 -11.14
N TYR A 484 -31.82 10.99 -11.71
CA TYR A 484 -30.91 10.14 -12.51
C TYR A 484 -31.10 10.37 -14.02
N LYS A 485 -32.26 10.88 -14.44
CA LYS A 485 -32.59 11.29 -15.83
C LYS A 485 -32.81 10.04 -16.71
N THR A 486 -31.97 9.01 -16.56
CA THR A 486 -32.17 7.69 -17.20
C THR A 486 -32.09 6.59 -16.14
N PRO A 487 -32.95 5.55 -16.21
CA PRO A 487 -32.78 4.36 -15.38
C PRO A 487 -31.43 3.66 -15.55
N ASP A 488 -30.73 3.92 -16.67
CA ASP A 488 -29.35 3.43 -16.91
C ASP A 488 -28.38 3.96 -15.84
N ASN A 489 -28.63 5.16 -15.31
CA ASN A 489 -27.68 5.86 -14.41
C ASN A 489 -27.97 5.52 -12.94
N ILE A 490 -29.13 4.89 -12.65
CA ILE A 490 -29.61 4.61 -11.27
C ILE A 490 -28.62 3.65 -10.59
N ASP A 491 -28.00 4.07 -9.48
CA ASP A 491 -27.00 3.26 -8.73
C ASP A 491 -27.67 1.92 -8.30
N ILE A 492 -26.96 0.81 -8.47
CA ILE A 492 -27.50 -0.57 -8.24
C ILE A 492 -28.22 -0.67 -6.88
N TRP A 493 -27.63 -0.11 -5.82
CA TRP A 493 -28.17 -0.26 -4.44
C TRP A 493 -29.61 0.27 -4.36
N ILE A 494 -29.87 1.49 -4.81
CA ILE A 494 -31.22 2.11 -4.69
C ILE A 494 -32.14 1.46 -5.73
N GLY A 495 -31.60 1.04 -6.87
CA GLY A 495 -32.36 0.40 -7.97
C GLY A 495 -32.94 -0.95 -7.57
N GLY A 496 -32.10 -1.87 -7.09
CA GLY A 496 -32.55 -3.17 -6.55
C GLY A 496 -33.57 -3.02 -5.43
N ASN A 497 -33.31 -2.09 -4.51
CA ASN A 497 -34.11 -1.93 -3.26
C ASN A 497 -35.40 -1.14 -3.53
N ALA A 498 -35.51 -0.50 -4.70
CA ALA A 498 -36.75 0.18 -5.15
C ALA A 498 -37.80 -0.84 -5.60
N GLU A 499 -37.37 -2.02 -6.06
CA GLU A 499 -38.25 -3.03 -6.72
C GLU A 499 -39.15 -3.69 -5.70
N PRO A 500 -40.49 -3.69 -5.93
CA PRO A 500 -41.42 -4.40 -5.04
C PRO A 500 -40.97 -5.83 -4.80
N MET A 501 -41.12 -6.32 -3.56
CA MET A 501 -40.67 -7.66 -3.11
C MET A 501 -41.41 -8.78 -3.86
N VAL A 502 -40.73 -9.90 -4.08
CA VAL A 502 -41.29 -11.12 -4.74
C VAL A 502 -42.19 -11.85 -3.73
N GLU A 503 -43.07 -12.73 -4.22
CA GLU A 503 -44.08 -13.45 -3.41
C GLU A 503 -43.40 -14.23 -2.28
N ARG A 504 -43.78 -13.91 -1.03
CA ARG A 504 -43.34 -14.59 0.24
C ARG A 504 -41.83 -14.46 0.43
N GLY A 505 -41.22 -13.46 -0.22
CA GLY A 505 -39.78 -13.11 -0.10
C GLY A 505 -39.60 -11.71 0.48
N ARG A 506 -38.36 -11.26 0.61
CA ARG A 506 -38.05 -9.95 1.28
C ARG A 506 -37.09 -9.13 0.41
N VAL A 507 -37.03 -9.41 -0.89
CA VAL A 507 -36.28 -8.61 -1.90
C VAL A 507 -37.03 -8.66 -3.23
N GLY A 508 -36.66 -7.79 -4.16
CA GLY A 508 -37.27 -7.69 -5.52
C GLY A 508 -36.70 -8.76 -6.45
N PRO A 509 -37.19 -8.82 -7.71
CA PRO A 509 -36.68 -9.82 -8.67
C PRO A 509 -35.19 -9.69 -8.99
N LEU A 510 -34.68 -8.46 -9.03
CA LEU A 510 -33.27 -8.18 -9.41
C LEU A 510 -32.32 -8.69 -8.33
N LEU A 511 -32.65 -8.43 -7.06
CA LEU A 511 -31.80 -8.83 -5.90
C LEU A 511 -31.94 -10.35 -5.71
N ALA A 512 -33.14 -10.89 -5.93
CA ALA A 512 -33.39 -12.34 -5.89
C ALA A 512 -32.38 -13.03 -6.81
N CYS A 513 -32.21 -12.48 -8.02
CA CYS A 513 -31.31 -13.01 -9.07
C CYS A 513 -29.87 -12.90 -8.57
N LEU A 514 -29.47 -11.71 -8.12
CA LEU A 514 -28.08 -11.40 -7.69
C LEU A 514 -27.75 -12.21 -6.42
N LEU A 515 -28.62 -12.18 -5.42
CA LEU A 515 -28.38 -12.93 -4.15
C LEU A 515 -28.39 -14.42 -4.46
N GLY A 516 -29.46 -14.90 -5.13
CA GLY A 516 -29.63 -16.31 -5.50
C GLY A 516 -28.38 -16.90 -6.18
N ARG A 517 -27.89 -16.22 -7.21
CA ARG A 517 -26.71 -16.66 -8.01
C ARG A 517 -25.50 -16.81 -7.07
N GLN A 518 -25.22 -15.83 -6.21
CA GLN A 518 -24.02 -15.84 -5.34
C GLN A 518 -24.14 -16.98 -4.33
N PHE A 519 -25.32 -17.15 -3.72
CA PHE A 519 -25.56 -18.19 -2.67
C PHE A 519 -25.43 -19.59 -3.30
N GLN A 520 -25.97 -19.80 -4.51
CA GLN A 520 -25.76 -21.03 -5.30
C GLN A 520 -24.26 -21.31 -5.40
N GLN A 521 -23.47 -20.28 -5.75
CA GLN A 521 -22.03 -20.43 -6.05
C GLN A 521 -21.22 -20.72 -4.78
N ILE A 522 -21.55 -20.14 -3.62
CA ILE A 522 -20.67 -20.34 -2.43
C ILE A 522 -20.96 -21.72 -1.83
N ARG A 523 -22.14 -22.28 -2.11
CA ARG A 523 -22.48 -23.69 -1.77
C ARG A 523 -21.76 -24.65 -2.74
N ASP A 524 -22.16 -24.60 -4.02
CA ASP A 524 -21.69 -25.53 -5.08
C ASP A 524 -20.17 -25.51 -5.18
N GLY A 525 -19.55 -24.34 -4.99
CA GLY A 525 -18.11 -24.11 -5.22
C GLY A 525 -17.26 -24.39 -4.00
N ASP A 526 -17.88 -24.86 -2.90
CA ASP A 526 -17.18 -25.08 -1.60
C ASP A 526 -16.86 -26.57 -1.46
N ARG A 527 -15.56 -26.90 -1.38
CA ARG A 527 -15.11 -28.31 -1.22
C ARG A 527 -15.39 -28.83 0.19
N PHE A 528 -15.57 -27.93 1.15
CA PHE A 528 -15.89 -28.28 2.56
C PHE A 528 -17.34 -27.95 2.89
N TRP A 529 -18.21 -27.78 1.89
CA TRP A 529 -19.67 -27.65 2.14
C TRP A 529 -20.09 -28.82 3.03
N TRP A 530 -21.04 -28.61 3.94
CA TRP A 530 -21.39 -29.60 4.99
C TRP A 530 -22.02 -30.86 4.36
N GLU A 531 -22.80 -30.71 3.29
CA GLU A 531 -23.51 -31.84 2.58
C GLU A 531 -22.57 -32.56 1.60
N ASN A 532 -21.40 -32.01 1.26
CA ASN A 532 -20.45 -32.66 0.33
C ASN A 532 -19.99 -33.98 0.95
N PRO A 533 -20.24 -35.13 0.30
CA PRO A 533 -19.78 -36.42 0.82
C PRO A 533 -18.31 -36.38 1.24
N GLY A 534 -18.00 -36.90 2.44
CA GLY A 534 -16.62 -37.12 2.92
C GLY A 534 -16.14 -36.01 3.84
N VAL A 535 -16.81 -34.87 3.86
CA VAL A 535 -16.54 -33.73 4.78
C VAL A 535 -16.97 -34.18 6.18
N PHE A 536 -18.21 -34.66 6.29
CA PHE A 536 -18.80 -35.25 7.52
C PHE A 536 -19.22 -36.70 7.21
N THR A 537 -19.39 -37.53 8.26
CA THR A 537 -20.00 -38.88 8.16
C THR A 537 -21.51 -38.69 7.89
N GLU A 538 -22.19 -39.76 7.42
CA GLU A 538 -23.66 -39.77 7.24
C GLU A 538 -24.33 -39.61 8.61
N LYS A 539 -23.71 -40.19 9.66
CA LYS A 539 -24.20 -40.15 11.06
C LYS A 539 -24.17 -38.70 11.55
N GLN A 540 -23.02 -38.06 11.40
CA GLN A 540 -22.76 -36.64 11.78
C GLN A 540 -23.75 -35.71 11.09
N ARG A 541 -23.99 -35.91 9.78
CA ARG A 541 -24.93 -35.09 8.95
C ARG A 541 -26.38 -35.27 9.44
N ASP A 542 -26.73 -36.45 9.95
CA ASP A 542 -28.07 -36.76 10.50
C ASP A 542 -28.26 -35.93 11.78
N SER A 543 -27.22 -35.84 12.60
CA SER A 543 -27.25 -35.07 13.88
C SER A 543 -27.21 -33.56 13.61
N LEU A 544 -26.47 -33.11 12.58
CA LEU A 544 -26.34 -31.67 12.19
C LEU A 544 -27.68 -31.11 11.71
N GLN A 545 -28.61 -31.96 11.26
CA GLN A 545 -29.93 -31.51 10.72
C GLN A 545 -30.81 -30.94 11.86
N LYS A 546 -30.55 -31.31 13.12
CA LYS A 546 -31.45 -30.96 14.27
C LYS A 546 -31.18 -29.53 14.75
N VAL A 547 -30.02 -28.96 14.39
CA VAL A 547 -29.55 -27.62 14.90
C VAL A 547 -30.60 -26.57 14.57
N SER A 548 -30.67 -25.53 15.39
CA SER A 548 -31.63 -24.41 15.26
C SER A 548 -31.10 -23.22 16.05
N PHE A 549 -31.47 -22.00 15.66
CA PHE A 549 -31.04 -20.79 16.38
C PHE A 549 -31.65 -20.83 17.79
N SER A 550 -32.86 -21.36 17.92
CA SER A 550 -33.54 -21.53 19.22
C SER A 550 -32.64 -22.32 20.17
N ARG A 551 -32.10 -23.45 19.68
CA ARG A 551 -31.20 -24.34 20.45
C ARG A 551 -29.92 -23.58 20.80
N LEU A 552 -29.37 -22.80 19.87
CA LEU A 552 -28.12 -22.03 20.07
C LEU A 552 -28.30 -21.16 21.31
N ILE A 553 -29.45 -20.47 21.41
CA ILE A 553 -29.76 -19.51 22.52
C ILE A 553 -29.83 -20.32 23.84
N CYS A 554 -30.66 -21.35 23.87
CA CYS A 554 -30.84 -22.26 25.03
C CYS A 554 -29.47 -22.69 25.60
N ASP A 555 -28.58 -23.16 24.74
CA ASP A 555 -27.29 -23.79 25.15
C ASP A 555 -26.29 -22.71 25.58
N ASN A 556 -26.49 -21.44 25.21
CA ASN A 556 -25.43 -20.39 25.32
C ASN A 556 -25.93 -19.13 26.04
N THR A 557 -27.13 -19.13 26.64
CA THR A 557 -27.63 -17.99 27.49
C THR A 557 -28.20 -18.52 28.81
N HIS A 558 -28.93 -17.67 29.55
CA HIS A 558 -29.80 -18.06 30.68
C HIS A 558 -31.28 -17.83 30.30
N ILE A 559 -31.56 -17.77 29.00
CA ILE A 559 -32.96 -17.74 28.46
C ILE A 559 -33.47 -19.19 28.47
N THR A 560 -34.70 -19.41 28.91
CA THR A 560 -35.33 -20.74 29.09
C THR A 560 -36.45 -20.95 28.08
N LYS A 561 -37.21 -19.88 27.82
CA LYS A 561 -38.34 -19.90 26.84
C LYS A 561 -37.87 -19.27 25.53
N VAL A 562 -38.02 -20.01 24.43
CA VAL A 562 -37.67 -19.59 23.04
C VAL A 562 -38.73 -20.15 22.10
N PRO A 563 -38.95 -19.57 20.90
CA PRO A 563 -39.89 -20.14 19.94
C PRO A 563 -39.23 -21.26 19.12
N LEU A 564 -40.00 -22.08 18.42
CA LEU A 564 -39.48 -23.23 17.62
C LEU A 564 -38.78 -22.72 16.34
N HIS A 565 -39.26 -21.62 15.76
CA HIS A 565 -38.71 -20.99 14.53
C HIS A 565 -38.45 -19.51 14.80
N ALA A 566 -37.20 -19.15 15.10
CA ALA A 566 -36.78 -17.84 15.64
C ALA A 566 -36.96 -16.71 14.61
N PHE A 567 -37.01 -17.01 13.31
CA PHE A 567 -37.00 -16.00 12.22
C PHE A 567 -38.41 -15.47 11.97
N GLN A 568 -39.45 -16.21 12.36
CA GLN A 568 -40.87 -15.78 12.18
C GLN A 568 -41.19 -14.81 13.33
N ALA A 569 -42.23 -14.00 13.17
CA ALA A 569 -42.79 -13.15 14.26
C ALA A 569 -43.39 -14.06 15.32
N ASN A 570 -42.84 -14.03 16.53
CA ASN A 570 -43.23 -14.90 17.68
C ASN A 570 -43.53 -13.99 18.87
N ASN A 571 -44.77 -14.03 19.37
CA ASN A 571 -45.22 -13.19 20.51
C ASN A 571 -45.29 -14.07 21.76
N TYR A 572 -44.91 -13.48 22.90
CA TYR A 572 -44.92 -14.10 24.23
C TYR A 572 -46.33 -14.02 24.82
N PRO A 573 -46.88 -15.09 25.45
CA PRO A 573 -46.19 -16.35 25.68
C PRO A 573 -46.55 -17.52 24.76
N HIS A 574 -47.59 -17.39 23.94
CA HIS A 574 -48.20 -18.53 23.19
C HIS A 574 -47.13 -19.24 22.36
N ASP A 575 -46.31 -18.47 21.62
CA ASP A 575 -45.41 -18.96 20.55
C ASP A 575 -44.06 -19.41 21.16
N PHE A 576 -43.85 -19.21 22.46
CA PHE A 576 -42.64 -19.68 23.19
C PHE A 576 -42.92 -20.99 23.93
N VAL A 577 -41.89 -21.84 23.99
CA VAL A 577 -41.91 -23.15 24.72
C VAL A 577 -40.63 -23.22 25.57
N ASP A 578 -40.50 -24.26 26.39
CA ASP A 578 -39.34 -24.45 27.30
C ASP A 578 -38.17 -25.04 26.51
N CYS A 579 -36.96 -24.61 26.85
CA CYS A 579 -35.70 -25.01 26.17
C CYS A 579 -35.54 -26.54 26.12
N SER A 580 -36.07 -27.23 27.13
CA SER A 580 -35.99 -28.72 27.27
C SER A 580 -36.71 -29.41 26.10
N THR A 581 -37.68 -28.74 25.47
CA THR A 581 -38.56 -29.29 24.40
C THR A 581 -37.94 -29.19 23.01
N VAL A 582 -36.84 -28.44 22.85
CA VAL A 582 -36.19 -28.16 21.54
C VAL A 582 -35.16 -29.26 21.27
N ASP A 583 -35.16 -29.83 20.06
CA ASP A 583 -34.17 -30.86 19.60
C ASP A 583 -32.76 -30.35 19.89
N LYS A 584 -31.84 -31.25 20.27
CA LYS A 584 -30.44 -30.92 20.63
C LYS A 584 -29.47 -31.33 19.51
N LEU A 585 -28.23 -30.87 19.62
CA LEU A 585 -27.09 -31.35 18.78
C LEU A 585 -26.52 -32.49 19.62
N ASP A 586 -26.82 -33.73 19.21
CA ASP A 586 -26.27 -34.98 19.80
C ASP A 586 -24.91 -35.16 19.14
N LEU A 587 -23.84 -35.03 19.93
CA LEU A 587 -22.44 -35.07 19.44
C LEU A 587 -21.87 -36.49 19.53
N SER A 588 -22.71 -37.49 19.84
CA SER A 588 -22.26 -38.91 19.93
C SER A 588 -21.52 -39.28 18.64
N PRO A 589 -22.07 -38.99 17.43
CA PRO A 589 -21.39 -39.37 16.18
C PRO A 589 -19.97 -38.83 15.95
N TRP A 590 -19.47 -37.93 16.81
CA TRP A 590 -18.08 -37.39 16.78
C TRP A 590 -17.16 -38.21 17.68
N ALA A 591 -17.73 -38.98 18.60
CA ALA A 591 -17.05 -39.98 19.47
C ALA A 591 -16.07 -40.82 18.62
N SER A 592 -14.77 -40.67 18.88
CA SER A 592 -13.67 -41.27 18.07
C SER A 592 -12.72 -42.04 18.97
N ARG A 593 -13.16 -43.22 19.44
CA ARG A 593 -12.41 -44.10 20.39
C ARG A 593 -11.26 -44.80 19.65
N GLU A 594 -10.24 -45.25 20.40
CA GLU A 594 -9.13 -46.14 19.94
C GLU A 594 -8.37 -45.49 18.77
N ASN A 595 -8.11 -44.18 18.84
CA ASN A 595 -7.40 -43.41 17.79
C ASN A 595 -5.88 -43.62 17.95
N SER B 1 0.78 24.92 -14.70
CA SER B 1 0.97 23.49 -14.32
C SER B 1 0.62 23.29 -12.83
N TRP B 2 1.54 23.67 -11.94
CA TRP B 2 1.45 23.43 -10.47
C TRP B 2 1.18 21.94 -10.22
N GLU B 3 1.97 21.04 -10.80
CA GLU B 3 1.87 19.57 -10.61
C GLU B 3 2.09 19.25 -9.13
N VAL B 4 1.41 18.22 -8.62
CA VAL B 4 1.35 17.89 -7.17
C VAL B 4 1.20 19.21 -6.41
N GLY B 5 -0.02 19.71 -6.26
CA GLY B 5 -0.32 20.66 -5.19
C GLY B 5 0.10 20.11 -3.84
N CYS B 6 -0.34 18.89 -3.56
CA CYS B 6 0.11 18.07 -2.39
C CYS B 6 -0.38 16.67 -2.78
N GLY B 7 0.42 15.62 -2.54
CA GLY B 7 1.42 15.56 -1.49
C GLY B 7 1.02 14.85 -0.20
N ALA B 8 -0.27 14.87 0.14
CA ALA B 8 -0.87 14.06 1.23
C ALA B 8 -0.56 12.58 0.96
N PRO B 9 -0.50 11.70 2.00
CA PRO B 9 0.14 10.40 1.83
C PRO B 9 -0.60 9.50 0.81
N VAL B 10 0.00 9.32 -0.36
CA VAL B 10 -0.61 8.43 -1.40
C VAL B 10 -0.90 7.05 -0.78
N PRO B 11 0.08 6.37 -0.14
CA PRO B 11 -0.14 5.02 0.39
C PRO B 11 -0.68 5.00 1.84
N LEU B 12 -0.93 6.18 2.42
CA LEU B 12 -1.45 6.26 3.82
C LEU B 12 -0.41 5.68 4.78
N VAL B 13 -0.86 5.19 5.95
CA VAL B 13 0.08 4.56 6.92
C VAL B 13 -0.59 3.36 7.59
N LYS B 14 0.09 2.22 7.64
CA LYS B 14 -0.42 1.01 8.34
C LYS B 14 0.67 0.54 9.29
N CYS B 15 0.80 1.22 10.44
CA CYS B 15 1.89 1.01 11.43
C CYS B 15 1.58 -0.20 12.30
N ASP B 16 1.84 -1.40 11.77
CA ASP B 16 1.88 -2.69 12.51
C ASP B 16 3.18 -2.73 13.30
N GLU B 17 3.11 -2.39 14.59
CA GLU B 17 4.29 -2.04 15.43
C GLU B 17 5.07 -3.30 15.83
N ASN B 18 4.43 -4.48 15.82
CA ASN B 18 5.08 -5.78 16.16
C ASN B 18 5.79 -6.35 14.92
N SER B 19 5.61 -5.75 13.74
CA SER B 19 6.31 -6.15 12.49
C SER B 19 7.81 -5.88 12.65
N PRO B 20 8.68 -6.87 12.34
CA PRO B 20 10.13 -6.68 12.39
C PRO B 20 10.75 -6.20 11.06
N TYR B 21 9.91 -5.89 10.06
CA TYR B 21 10.32 -5.55 8.68
C TYR B 21 10.01 -4.07 8.38
N ARG B 22 10.90 -3.41 7.64
CA ARG B 22 10.68 -2.07 7.05
C ARG B 22 9.45 -2.10 6.14
N THR B 23 8.66 -1.03 6.13
CA THR B 23 7.68 -0.76 5.05
C THR B 23 8.45 -0.45 3.75
N ILE B 24 7.84 -0.76 2.61
CA ILE B 24 8.33 -0.36 1.25
C ILE B 24 8.57 1.15 1.24
N THR B 25 7.61 1.91 1.77
CA THR B 25 7.49 3.39 1.64
C THR B 25 8.35 4.13 2.68
N GLY B 26 8.89 3.42 3.67
CA GLY B 26 9.68 4.04 4.76
C GLY B 26 8.81 4.59 5.88
N ASP B 27 7.48 4.44 5.74
CA ASP B 27 6.49 4.82 6.78
C ASP B 27 6.71 3.97 8.04
N CYS B 28 6.43 4.55 9.21
CA CYS B 28 6.34 3.86 10.52
C CYS B 28 7.72 3.51 11.07
N ASN B 29 8.77 4.09 10.50
CA ASN B 29 10.16 3.86 10.98
C ASN B 29 10.31 4.58 12.32
N ASN B 30 9.99 5.87 12.34
CA ASN B 30 9.92 6.73 13.56
C ASN B 30 8.48 6.66 14.09
N ARG B 31 8.27 6.15 15.31
CA ARG B 31 6.92 5.88 15.87
C ARG B 31 6.23 7.20 16.27
N ARG B 32 6.97 8.13 16.89
CA ARG B 32 6.52 9.50 17.28
C ARG B 32 5.89 10.21 16.07
N SER B 33 6.64 10.25 14.96
CA SER B 33 6.30 10.94 13.68
C SER B 33 6.46 9.96 12.51
N PRO B 34 5.43 9.12 12.21
CA PRO B 34 5.56 8.03 11.23
C PRO B 34 6.06 8.37 9.82
N ALA B 35 5.86 9.61 9.34
CA ALA B 35 6.10 10.02 7.93
C ALA B 35 7.56 10.41 7.71
N LEU B 36 8.35 10.59 8.78
CA LEU B 36 9.79 10.94 8.70
C LEU B 36 10.54 9.83 7.95
N GLY B 37 11.14 10.19 6.81
CA GLY B 37 11.99 9.33 5.99
C GLY B 37 11.19 8.60 4.94
N ALA B 38 9.88 8.77 4.92
CA ALA B 38 9.00 8.05 3.96
C ALA B 38 9.14 8.70 2.59
N ALA B 39 8.82 7.93 1.55
CA ALA B 39 8.90 8.34 0.14
C ALA B 39 7.81 9.38 -0.15
N ASN B 40 8.00 10.19 -1.18
CA ASN B 40 6.99 11.11 -1.76
C ASN B 40 6.58 12.14 -0.70
N ARG B 41 7.55 12.65 0.08
CA ARG B 41 7.39 13.79 1.01
C ARG B 41 8.42 14.87 0.67
N ALA B 42 8.30 16.05 1.27
CA ALA B 42 9.25 17.18 1.14
C ALA B 42 10.63 16.75 1.64
N LEU B 43 11.66 16.94 0.82
CA LEU B 43 13.08 16.98 1.27
C LEU B 43 13.15 17.88 2.51
N ALA B 44 13.85 17.44 3.56
CA ALA B 44 14.11 18.25 4.76
C ALA B 44 14.85 19.52 4.33
N ARG B 45 14.75 20.58 5.11
CA ARG B 45 15.57 21.80 4.97
C ARG B 45 16.44 21.93 6.22
N TRP B 46 17.76 21.98 6.04
CA TRP B 46 18.75 22.28 7.11
C TRP B 46 18.89 23.79 7.24
N LEU B 47 18.69 24.51 6.14
CA LEU B 47 18.54 25.99 6.10
C LEU B 47 17.28 26.34 5.32
N PRO B 48 16.66 27.52 5.54
CA PRO B 48 15.48 27.91 4.76
C PRO B 48 15.81 28.10 3.28
N ALA B 49 14.83 27.79 2.43
CA ALA B 49 14.89 28.01 0.97
C ALA B 49 15.27 29.47 0.71
N GLU B 50 16.02 29.73 -0.35
CA GLU B 50 16.34 31.11 -0.84
C GLU B 50 15.91 31.20 -2.30
N TYR B 51 14.87 31.99 -2.55
CA TYR B 51 14.25 32.21 -3.88
C TYR B 51 14.32 33.71 -4.17
N GLU B 52 14.33 34.04 -5.47
CA GLU B 52 14.35 35.42 -6.00
C GLU B 52 13.28 36.27 -5.30
N ASP B 53 12.08 35.70 -5.15
CA ASP B 53 10.83 36.37 -4.71
C ASP B 53 10.47 35.88 -3.31
N GLY B 54 11.39 35.22 -2.61
CA GLY B 54 11.19 34.70 -1.25
C GLY B 54 10.32 33.46 -1.19
N LEU B 55 9.77 33.01 -2.33
CA LEU B 55 8.71 31.94 -2.38
C LEU B 55 9.15 30.78 -3.27
N ALA B 56 9.16 30.95 -4.60
CA ALA B 56 9.30 29.82 -5.55
C ALA B 56 10.32 30.13 -6.66
N LEU B 57 10.31 31.34 -7.21
CA LEU B 57 11.19 31.72 -8.36
C LEU B 57 12.66 31.61 -7.98
N PRO B 58 13.46 30.86 -8.76
CA PRO B 58 14.88 30.68 -8.44
C PRO B 58 15.69 31.93 -8.77
N PHE B 59 16.80 32.11 -8.06
CA PHE B 59 17.81 33.12 -8.45
C PHE B 59 18.22 32.88 -9.91
N GLY B 60 18.21 33.94 -10.70
CA GLY B 60 18.54 33.90 -12.14
C GLY B 60 17.31 33.83 -13.02
N TRP B 61 16.11 33.81 -12.41
CA TRP B 61 14.83 33.72 -13.14
C TRP B 61 14.57 35.01 -13.94
N THR B 62 14.55 36.14 -13.23
CA THR B 62 14.29 37.49 -13.79
C THR B 62 15.62 38.13 -14.18
N GLN B 63 15.78 38.48 -15.47
CA GLN B 63 16.95 39.21 -16.00
C GLN B 63 17.38 40.28 -15.00
N ARG B 64 16.47 41.20 -14.63
CA ARG B 64 16.82 42.40 -13.81
C ARG B 64 17.36 41.95 -12.44
N LYS B 65 16.59 41.17 -11.67
CA LYS B 65 16.81 40.91 -10.21
C LYS B 65 18.18 40.25 -10.00
N THR B 66 18.84 40.63 -8.89
CA THR B 66 20.23 40.24 -8.52
C THR B 66 20.19 39.45 -7.20
N ARG B 67 21.36 38.98 -6.74
CA ARG B 67 21.59 38.22 -5.47
C ARG B 67 22.73 38.87 -4.67
N ASN B 68 22.44 39.34 -3.44
CA ASN B 68 23.30 40.23 -2.62
C ASN B 68 23.93 41.32 -3.50
N GLY B 69 23.14 41.94 -4.38
CA GLY B 69 23.58 43.09 -5.20
C GLY B 69 24.02 42.70 -6.59
N PHE B 70 24.71 41.56 -6.72
CA PHE B 70 25.41 41.11 -7.96
C PHE B 70 24.51 40.15 -8.76
N ARG B 71 24.61 40.19 -10.08
CA ARG B 71 23.91 39.25 -10.99
C ARG B 71 24.48 37.84 -10.81
N VAL B 72 23.61 36.82 -10.94
CA VAL B 72 24.03 35.39 -10.93
C VAL B 72 24.44 35.04 -12.35
N PRO B 73 25.60 34.39 -12.55
CA PRO B 73 26.07 34.05 -13.89
C PRO B 73 25.32 32.83 -14.44
N LEU B 74 25.10 32.79 -15.76
CA LEU B 74 24.47 31.62 -16.43
C LEU B 74 25.19 30.34 -16.00
N ALA B 75 24.42 29.29 -15.70
CA ALA B 75 24.92 27.96 -15.31
C ALA B 75 25.97 27.46 -16.32
N ARG B 76 25.63 27.55 -17.61
CA ARG B 76 26.46 27.00 -18.71
C ARG B 76 27.79 27.78 -18.82
N GLU B 77 27.78 29.08 -18.52
CA GLU B 77 29.00 29.94 -18.54
C GLU B 77 29.95 29.46 -17.43
N VAL B 78 29.40 29.16 -16.26
CA VAL B 78 30.16 28.59 -15.12
C VAL B 78 30.73 27.24 -15.56
N SER B 79 29.91 26.42 -16.21
CA SER B 79 30.31 25.07 -16.70
C SER B 79 31.52 25.21 -17.63
N ASN B 80 31.41 26.06 -18.66
CA ASN B 80 32.45 26.23 -19.72
C ASN B 80 33.73 26.78 -19.10
N LYS B 81 33.64 27.80 -18.25
CA LYS B 81 34.82 28.62 -17.84
C LYS B 81 35.52 28.00 -16.62
N ILE B 82 34.88 27.04 -15.93
CA ILE B 82 35.43 26.43 -14.69
C ILE B 82 35.47 24.90 -14.78
N VAL B 83 34.39 24.29 -15.25
CA VAL B 83 34.14 22.82 -15.05
C VAL B 83 34.67 22.03 -16.26
N GLY B 84 34.90 22.70 -17.39
CA GLY B 84 35.32 22.04 -18.65
C GLY B 84 36.81 21.79 -18.73
N TYR B 85 37.19 20.83 -19.58
CA TYR B 85 38.59 20.49 -19.96
C TYR B 85 38.55 19.60 -21.21
N LEU B 86 39.65 19.54 -21.98
CA LEU B 86 39.72 18.76 -23.24
C LEU B 86 40.51 17.46 -23.03
N ASP B 87 41.58 17.48 -22.24
CA ASP B 87 42.60 16.40 -22.24
C ASP B 87 42.31 15.42 -21.10
N GLU B 88 41.78 14.24 -21.46
CA GLU B 88 41.41 13.13 -20.53
C GLU B 88 42.65 12.40 -20.02
N GLU B 89 43.84 12.84 -20.42
CA GLU B 89 45.13 12.18 -20.08
C GLU B 89 45.54 12.57 -18.65
N GLY B 90 45.98 11.57 -17.88
CA GLY B 90 46.47 11.73 -16.49
C GLY B 90 45.40 12.14 -15.50
N VAL B 91 44.12 12.06 -15.86
CA VAL B 91 43.00 12.57 -15.02
C VAL B 91 42.51 11.47 -14.06
N LEU B 92 42.87 10.22 -14.33
CA LEU B 92 42.36 9.05 -13.58
C LEU B 92 42.87 9.09 -12.13
N ASP B 93 42.09 8.53 -11.20
CA ASP B 93 42.37 8.45 -9.74
C ASP B 93 43.20 7.20 -9.48
N GLN B 94 44.46 7.40 -9.09
CA GLN B 94 45.49 6.35 -8.93
C GLN B 94 45.16 5.41 -7.77
N ASN B 95 44.35 5.81 -6.80
CA ASN B 95 44.07 4.93 -5.63
C ASN B 95 42.57 4.70 -5.42
N ARG B 96 41.74 4.79 -6.47
CA ARG B 96 40.31 4.39 -6.38
C ARG B 96 39.88 3.68 -7.67
N SER B 97 39.23 2.54 -7.52
CA SER B 97 38.65 1.74 -8.63
C SER B 97 37.39 2.46 -9.12
N LEU B 98 36.89 2.07 -10.29
CA LEU B 98 35.67 2.65 -10.91
C LEU B 98 34.45 2.28 -10.06
N LEU B 99 34.50 1.15 -9.36
CA LEU B 99 33.45 0.71 -8.40
C LEU B 99 33.23 1.79 -7.33
N PHE B 100 34.26 2.56 -7.01
CA PHE B 100 34.16 3.68 -6.04
C PHE B 100 33.12 4.67 -6.55
N MET B 101 33.29 5.12 -7.78
CA MET B 101 32.33 5.98 -8.52
C MET B 101 30.97 5.30 -8.50
N GLN B 102 30.89 4.05 -8.96
CA GLN B 102 29.60 3.34 -9.20
C GLN B 102 28.85 3.16 -7.89
N TRP B 103 29.54 2.86 -6.79
CA TRP B 103 28.86 2.59 -5.51
C TRP B 103 28.24 3.88 -5.00
N GLY B 104 28.97 5.00 -5.08
CA GLY B 104 28.43 6.34 -4.83
C GLY B 104 27.05 6.51 -5.45
N GLN B 105 26.91 6.19 -6.74
CA GLN B 105 25.66 6.41 -7.52
C GLN B 105 24.58 5.43 -7.05
N ILE B 106 24.95 4.19 -6.74
CA ILE B 106 24.02 3.16 -6.19
C ILE B 106 23.42 3.70 -4.89
N VAL B 107 24.27 4.17 -3.97
CA VAL B 107 23.85 4.69 -2.64
C VAL B 107 22.93 5.89 -2.87
N ASP B 108 23.42 6.89 -3.61
CA ASP B 108 22.65 8.10 -3.98
C ASP B 108 21.21 7.76 -4.36
N HIS B 109 21.01 6.74 -5.21
CA HIS B 109 19.70 6.36 -5.79
C HIS B 109 18.83 5.66 -4.73
N ASP B 110 19.45 4.96 -3.77
CA ASP B 110 18.74 4.39 -2.59
C ASP B 110 18.14 5.56 -1.80
N LEU B 111 18.87 6.67 -1.68
CA LEU B 111 18.60 7.75 -0.69
C LEU B 111 17.65 8.82 -1.26
N ASP B 112 17.92 9.37 -2.45
CA ASP B 112 17.14 10.54 -2.94
C ASP B 112 16.88 10.52 -4.46
N PHE B 113 15.77 11.15 -4.84
CA PHE B 113 15.28 11.37 -6.22
C PHE B 113 14.25 12.51 -6.12
N ALA B 114 14.39 13.54 -6.95
CA ALA B 114 13.49 14.70 -7.04
C ALA B 114 13.15 14.82 -8.51
N PRO B 115 12.20 13.99 -8.98
CA PRO B 115 11.85 13.93 -10.41
C PRO B 115 11.14 15.19 -10.88
N GLU B 116 11.34 15.53 -12.15
CA GLU B 116 10.65 16.63 -12.87
C GLU B 116 9.14 16.54 -12.65
N THR B 117 8.50 17.70 -12.55
CA THR B 117 7.02 17.86 -12.52
C THR B 117 6.46 16.93 -13.60
N GLU B 118 5.66 15.95 -13.18
CA GLU B 118 5.38 14.69 -13.92
C GLU B 118 4.53 14.90 -15.17
N LEU B 119 3.72 15.97 -15.26
CA LEU B 119 2.70 16.09 -16.34
C LEU B 119 3.27 16.95 -17.49
N GLY B 120 3.25 16.39 -18.70
CA GLY B 120 3.02 17.14 -19.95
C GLY B 120 1.53 17.07 -20.30
N SER B 121 0.90 15.93 -20.01
CA SER B 121 -0.54 15.60 -20.28
C SER B 121 -0.79 15.59 -21.79
N ASN B 122 0.07 14.88 -22.53
CA ASN B 122 0.03 14.69 -24.01
C ASN B 122 0.22 16.06 -24.69
N GLU B 123 1.23 16.82 -24.24
CA GLU B 123 1.34 18.28 -24.52
C GLU B 123 2.70 18.61 -25.15
N HIS B 124 2.71 19.74 -25.86
CA HIS B 124 3.89 20.34 -26.54
C HIS B 124 4.40 21.55 -25.73
N SER B 125 4.03 21.67 -24.45
CA SER B 125 4.73 22.54 -23.46
C SER B 125 6.13 21.97 -23.16
N LYS B 126 6.31 20.65 -23.34
CA LYS B 126 7.61 19.94 -23.29
C LYS B 126 8.51 20.48 -24.40
N THR B 127 8.01 20.51 -25.64
CA THR B 127 8.75 20.95 -26.85
C THR B 127 8.80 22.49 -26.89
N GLN B 128 7.70 23.17 -26.47
CA GLN B 128 7.61 24.65 -26.35
C GLN B 128 8.83 25.17 -25.57
N CYS B 129 9.15 24.54 -24.44
CA CYS B 129 10.35 24.82 -23.61
C CYS B 129 11.62 24.52 -24.42
N GLU B 130 11.72 23.31 -24.97
CA GLU B 130 12.93 22.77 -25.66
C GLU B 130 13.19 23.60 -26.93
N GLU B 131 12.15 23.75 -27.75
CA GLU B 131 12.20 24.23 -29.15
C GLU B 131 12.35 25.75 -29.19
N TYR B 132 11.62 26.48 -28.34
CA TYR B 132 11.47 27.96 -28.42
C TYR B 132 12.14 28.66 -27.22
N CYS B 133 12.66 27.89 -26.27
CA CYS B 133 13.50 28.38 -25.14
C CYS B 133 12.77 29.48 -24.35
N ILE B 134 11.47 29.30 -24.13
CA ILE B 134 10.57 30.28 -23.45
C ILE B 134 10.55 29.96 -21.95
N GLN B 135 11.21 30.76 -21.13
CA GLN B 135 11.15 30.66 -19.65
C GLN B 135 9.71 30.94 -19.20
N GLY B 136 9.15 30.11 -18.32
CA GLY B 136 7.78 30.28 -17.80
C GLY B 136 7.28 29.02 -17.11
N ASP B 137 6.71 29.18 -15.91
CA ASP B 137 6.19 28.07 -15.06
C ASP B 137 7.32 27.07 -14.78
N ASN B 138 7.23 25.84 -15.30
CA ASN B 138 8.18 24.75 -14.99
C ASN B 138 9.29 24.64 -16.04
N CYS B 139 9.10 25.28 -17.19
CA CYS B 139 10.19 25.49 -18.18
C CYS B 139 11.17 26.54 -17.65
N PHE B 140 12.37 26.12 -17.25
CA PHE B 140 13.46 27.01 -16.76
C PHE B 140 14.71 26.77 -17.58
N PRO B 141 14.75 27.21 -18.86
CA PRO B 141 15.82 26.86 -19.79
C PRO B 141 17.22 27.31 -19.36
N ILE B 142 18.21 26.47 -19.63
CA ILE B 142 19.66 26.80 -19.52
C ILE B 142 20.07 27.55 -20.80
N MET B 143 20.23 28.87 -20.73
CA MET B 143 20.59 29.72 -21.89
C MET B 143 22.09 29.61 -22.16
N PHE B 144 22.48 29.38 -23.42
CA PHE B 144 23.90 29.37 -23.84
C PHE B 144 24.45 30.78 -23.76
N PRO B 145 25.66 30.98 -23.17
CA PRO B 145 26.35 32.27 -23.24
C PRO B 145 26.92 32.50 -24.65
N LYS B 146 27.18 33.76 -24.99
CA LYS B 146 27.83 34.16 -26.28
C LYS B 146 29.09 33.31 -26.48
N ASN B 147 29.35 32.88 -27.73
CA ASN B 147 30.59 32.19 -28.16
C ASN B 147 30.58 30.71 -27.76
N ASP B 148 29.47 30.23 -27.19
CA ASP B 148 29.30 28.81 -26.81
C ASP B 148 29.22 27.99 -28.08
N PRO B 149 30.09 26.98 -28.26
CA PRO B 149 30.06 26.12 -29.45
C PRO B 149 28.67 25.60 -29.84
N LYS B 150 27.80 25.36 -28.85
CA LYS B 150 26.47 24.74 -29.05
C LYS B 150 25.47 25.71 -29.68
N LEU B 151 25.78 27.01 -29.77
CA LEU B 151 24.93 28.01 -30.49
C LEU B 151 24.80 27.58 -31.95
N LYS B 152 25.92 27.23 -32.57
CA LYS B 152 26.00 26.78 -33.98
C LYS B 152 25.24 25.45 -34.12
N THR B 153 25.21 24.63 -33.07
CA THR B 153 24.92 23.16 -33.11
C THR B 153 23.53 22.84 -32.53
N GLN B 154 23.00 23.63 -31.59
CA GLN B 154 21.83 23.22 -30.77
C GLN B 154 20.82 24.37 -30.54
N GLY B 155 21.10 25.58 -31.01
CA GLY B 155 20.17 26.72 -30.82
C GLY B 155 20.56 27.56 -29.61
N LYS B 156 19.58 28.14 -28.92
CA LYS B 156 19.76 29.23 -27.92
C LYS B 156 19.92 28.64 -26.50
N CYS B 157 19.41 27.45 -26.25
CA CYS B 157 19.24 26.89 -24.88
C CYS B 157 19.28 25.34 -24.88
N MET B 158 19.56 24.76 -23.72
CA MET B 158 19.17 23.37 -23.38
C MET B 158 17.88 23.41 -22.59
N PRO B 159 16.89 22.52 -22.85
CA PRO B 159 15.69 22.46 -22.02
C PRO B 159 16.04 22.01 -20.60
N PHE B 160 15.26 22.50 -19.63
CA PHE B 160 15.34 22.17 -18.19
C PHE B 160 13.95 22.35 -17.58
N PHE B 161 13.45 21.37 -16.85
CA PHE B 161 12.14 21.42 -16.16
C PHE B 161 12.38 21.40 -14.64
N ARG B 162 11.66 22.24 -13.92
CA ARG B 162 11.83 22.40 -12.45
C ARG B 162 11.36 21.13 -11.73
N ALA B 163 12.05 20.75 -10.66
CA ALA B 163 11.71 19.57 -9.81
C ALA B 163 10.32 19.74 -9.21
N GLY B 164 9.57 18.64 -9.10
CA GLY B 164 8.26 18.60 -8.42
C GLY B 164 8.36 19.04 -6.98
N PHE B 165 7.24 19.47 -6.39
CA PHE B 165 7.16 20.13 -5.06
C PHE B 165 5.79 19.94 -4.43
N VAL B 166 5.67 20.20 -3.12
CA VAL B 166 4.49 19.88 -2.26
C VAL B 166 3.48 21.04 -2.21
N CYS B 167 2.44 20.88 -1.37
CA CYS B 167 1.15 21.64 -1.25
C CYS B 167 1.27 23.15 -1.32
N PRO B 168 0.34 23.79 -2.06
CA PRO B 168 -0.56 24.74 -1.44
C PRO B 168 -1.50 23.91 -0.55
N THR B 169 -1.34 24.03 0.77
CA THR B 169 -2.07 23.20 1.77
C THR B 169 -3.23 24.04 2.31
N PRO B 170 -4.32 23.42 2.83
CA PRO B 170 -5.55 24.14 3.22
C PRO B 170 -5.47 25.51 3.91
N PRO B 171 -4.62 25.76 4.94
CA PRO B 171 -4.43 27.12 5.44
C PRO B 171 -4.10 28.08 4.29
N TYR B 172 -3.55 27.56 3.18
CA TYR B 172 -3.08 28.31 1.98
C TYR B 172 -2.08 29.39 2.43
N GLN B 173 -1.30 29.03 3.46
CA GLN B 173 -0.20 29.83 4.06
C GLN B 173 0.78 30.21 2.94
N SER B 174 1.35 31.41 3.00
CA SER B 174 2.52 31.83 2.17
C SER B 174 3.70 30.93 2.60
N LEU B 175 4.20 30.10 1.68
CA LEU B 175 5.24 29.08 1.99
C LEU B 175 6.30 29.04 0.89
N ALA B 176 7.55 28.79 1.28
CA ALA B 176 8.64 28.47 0.33
C ALA B 176 8.29 27.18 -0.40
N ARG B 177 8.64 27.09 -1.68
CA ARG B 177 8.56 25.85 -2.51
C ARG B 177 9.47 24.77 -1.91
N GLU B 178 8.92 23.60 -1.60
CA GLU B 178 9.71 22.44 -1.10
C GLU B 178 9.65 21.30 -2.11
N GLN B 179 10.81 20.81 -2.56
CA GLN B 179 10.91 19.72 -3.57
C GLN B 179 10.66 18.38 -2.88
N ILE B 180 10.14 17.40 -3.63
CA ILE B 180 9.71 16.08 -3.10
C ILE B 180 10.89 15.12 -3.22
N ASN B 181 11.02 14.18 -2.28
CA ASN B 181 11.95 13.02 -2.39
C ASN B 181 11.10 11.76 -2.61
N ALA B 182 11.09 11.26 -3.85
CA ALA B 182 10.23 10.17 -4.35
C ALA B 182 10.73 8.81 -3.86
N VAL B 183 11.87 8.75 -3.17
CA VAL B 183 12.41 7.48 -2.61
C VAL B 183 12.56 7.58 -1.09
N THR B 184 12.86 6.45 -0.43
CA THR B 184 12.94 6.35 1.05
C THR B 184 14.29 6.89 1.50
N SER B 185 14.28 7.85 2.43
CA SER B 185 15.48 8.51 2.99
C SER B 185 16.41 7.50 3.70
N PHE B 186 15.87 6.34 4.12
CA PHE B 186 16.65 5.25 4.79
C PHE B 186 17.45 4.47 3.75
N LEU B 187 18.68 4.08 4.12
CA LEU B 187 19.53 3.14 3.36
C LEU B 187 18.97 1.73 3.49
N ASP B 188 18.09 1.34 2.57
CA ASP B 188 17.17 0.18 2.74
C ASP B 188 16.96 -0.63 1.45
N ALA B 189 17.86 -0.52 0.47
CA ALA B 189 17.76 -1.22 -0.84
C ALA B 189 16.44 -0.90 -1.56
N SER B 190 15.86 0.29 -1.36
CA SER B 190 14.65 0.75 -2.08
C SER B 190 14.89 0.78 -3.59
N LEU B 191 16.13 0.99 -4.04
CA LEU B 191 16.47 0.97 -5.49
C LEU B 191 16.29 -0.44 -6.07
N VAL B 192 16.32 -1.48 -5.22
CA VAL B 192 16.06 -2.89 -5.62
C VAL B 192 14.54 -3.19 -5.56
N TYR B 193 13.87 -2.80 -4.47
CA TYR B 193 12.50 -3.27 -4.12
C TYR B 193 11.43 -2.22 -4.49
N GLY B 194 11.81 -0.95 -4.67
CA GLY B 194 10.86 0.14 -4.95
C GLY B 194 10.55 0.95 -3.70
N SER B 195 10.07 2.18 -3.88
CA SER B 195 9.66 3.09 -2.77
C SER B 195 8.13 3.27 -2.72
N GLU B 196 7.40 2.45 -3.48
CA GLU B 196 5.92 2.47 -3.56
C GLU B 196 5.43 1.05 -3.82
N PRO B 197 4.34 0.60 -3.15
CA PRO B 197 3.93 -0.80 -3.18
C PRO B 197 3.42 -1.32 -4.53
N SER B 198 2.90 -0.45 -5.39
CA SER B 198 2.55 -0.72 -6.81
C SER B 198 3.72 -1.40 -7.53
N LEU B 199 4.85 -0.68 -7.59
CA LEU B 199 6.16 -1.12 -8.16
C LEU B 199 6.66 -2.37 -7.43
N ALA B 200 6.74 -2.33 -6.09
CA ALA B 200 7.35 -3.36 -5.23
C ALA B 200 6.67 -4.71 -5.50
N SER B 201 5.34 -4.73 -5.57
CA SER B 201 4.52 -5.89 -6.00
C SER B 201 4.95 -6.32 -7.41
N ARG B 202 4.92 -5.39 -8.36
CA ARG B 202 5.19 -5.61 -9.81
C ARG B 202 6.60 -6.20 -10.03
N LEU B 203 7.51 -6.02 -9.07
CA LEU B 203 8.93 -6.45 -9.21
C LEU B 203 9.14 -7.85 -8.66
N ARG B 204 8.13 -8.42 -8.00
CA ARG B 204 8.25 -9.72 -7.28
C ARG B 204 7.78 -10.86 -8.17
N ASN B 205 8.43 -12.03 -8.06
CA ASN B 205 7.89 -13.32 -8.57
C ASN B 205 6.87 -13.82 -7.53
N LEU B 206 5.58 -13.56 -7.80
CA LEU B 206 4.44 -13.89 -6.91
C LEU B 206 3.77 -15.19 -7.38
N SER B 207 3.87 -15.53 -8.67
CA SER B 207 3.33 -16.81 -9.23
C SER B 207 4.15 -18.02 -8.74
N SER B 208 5.29 -17.77 -8.09
CA SER B 208 6.09 -18.77 -7.33
C SER B 208 6.08 -18.41 -5.85
N PRO B 209 6.03 -19.39 -4.90
CA PRO B 209 5.98 -19.08 -3.48
C PRO B 209 7.33 -18.89 -2.79
N LEU B 210 8.37 -18.51 -3.56
CA LEU B 210 9.79 -18.61 -3.14
C LEU B 210 10.36 -17.22 -2.77
N GLY B 211 9.49 -16.21 -2.71
CA GLY B 211 9.89 -14.80 -2.41
C GLY B 211 10.98 -14.32 -3.34
N LEU B 212 10.93 -14.74 -4.62
CA LEU B 212 11.92 -14.35 -5.65
C LEU B 212 11.54 -12.98 -6.22
N MET B 213 12.53 -12.18 -6.60
CA MET B 213 12.32 -11.03 -7.52
C MET B 213 12.13 -11.56 -8.93
N ALA B 214 11.18 -11.00 -9.66
CA ALA B 214 10.97 -11.25 -11.11
C ALA B 214 12.31 -11.07 -11.84
N VAL B 215 12.58 -11.98 -12.79
CA VAL B 215 13.82 -11.98 -13.62
C VAL B 215 13.41 -11.92 -15.11
N ASN B 216 14.35 -11.58 -15.98
CA ASN B 216 14.10 -11.46 -17.44
C ASN B 216 13.75 -12.86 -17.97
N GLN B 217 12.76 -12.95 -18.86
CA GLN B 217 12.30 -14.22 -19.50
C GLN B 217 12.70 -14.26 -20.98
N GLU B 218 13.29 -13.17 -21.51
CA GLU B 218 13.66 -13.07 -22.94
C GLU B 218 15.16 -13.31 -23.15
N ALA B 219 16.01 -13.10 -22.12
CA ALA B 219 17.48 -13.25 -22.23
C ALA B 219 18.09 -13.63 -20.87
N TRP B 220 19.33 -14.15 -20.93
CA TRP B 220 20.08 -14.75 -19.80
C TRP B 220 21.57 -14.47 -20.00
N ASP B 221 22.34 -14.40 -18.92
CA ASP B 221 23.79 -14.08 -18.96
C ASP B 221 24.56 -15.33 -18.53
N HIS B 222 24.73 -16.27 -19.46
CA HIS B 222 25.30 -17.62 -19.22
C HIS B 222 24.57 -18.28 -18.04
N GLY B 223 23.24 -18.29 -18.08
CA GLY B 223 22.37 -18.93 -17.08
C GLY B 223 22.08 -18.07 -15.85
N LEU B 224 22.68 -16.87 -15.76
CA LEU B 224 22.48 -15.93 -14.64
C LEU B 224 21.50 -14.84 -15.07
N ALA B 225 20.75 -14.30 -14.11
CA ALA B 225 19.52 -13.49 -14.32
C ALA B 225 19.86 -12.07 -14.76
N TYR B 226 19.00 -11.49 -15.62
CA TYR B 226 18.88 -10.04 -15.89
C TYR B 226 17.58 -9.55 -15.26
N LEU B 227 17.50 -8.24 -14.99
CA LEU B 227 16.24 -7.55 -14.60
C LEU B 227 15.23 -7.69 -15.73
N PRO B 228 13.91 -7.67 -15.44
CA PRO B 228 12.91 -7.67 -16.51
C PRO B 228 13.08 -6.44 -17.40
N PHE B 229 12.54 -6.46 -18.61
CA PHE B 229 12.50 -5.28 -19.50
C PHE B 229 11.28 -4.42 -19.16
N ASN B 230 11.51 -3.13 -18.97
CA ASN B 230 10.47 -2.08 -18.96
C ASN B 230 9.92 -1.92 -20.39
N ASN B 231 8.74 -2.50 -20.68
CA ASN B 231 8.10 -2.45 -22.02
C ASN B 231 7.31 -1.15 -22.18
N LYS B 232 7.32 -0.25 -21.20
CA LYS B 232 6.60 1.05 -21.30
C LYS B 232 7.31 1.95 -22.32
N LYS B 233 6.53 2.54 -23.24
CA LYS B 233 7.00 3.35 -24.39
C LYS B 233 6.58 4.81 -24.18
N PRO B 234 7.37 5.81 -24.66
CA PRO B 234 8.57 5.55 -25.47
C PRO B 234 9.80 5.20 -24.64
N SER B 235 10.52 4.14 -25.04
CA SER B 235 11.74 3.63 -24.36
C SER B 235 12.97 4.39 -24.86
N PRO B 236 13.71 5.13 -24.00
CA PRO B 236 14.92 5.81 -24.45
C PRO B 236 16.09 4.84 -24.71
N CYS B 237 16.05 3.66 -24.10
CA CYS B 237 17.12 2.63 -24.27
C CYS B 237 17.06 2.04 -25.69
N GLU B 238 15.86 1.94 -26.27
CA GLU B 238 15.63 1.47 -27.66
C GLU B 238 16.00 2.63 -28.61
N PHE B 239 15.74 3.87 -28.18
CA PHE B 239 15.96 5.08 -29.01
C PHE B 239 17.43 5.22 -29.39
N ILE B 240 18.35 4.86 -28.48
CA ILE B 240 19.78 5.19 -28.63
C ILE B 240 20.41 4.25 -29.67
N ASN B 241 19.89 3.03 -29.82
CA ASN B 241 20.19 2.14 -30.99
C ASN B 241 18.89 1.44 -31.46
N THR B 242 18.16 2.02 -32.43
CA THR B 242 16.83 1.53 -32.90
C THR B 242 16.94 0.14 -33.55
N THR B 243 18.11 -0.26 -34.05
CA THR B 243 18.33 -1.59 -34.67
C THR B 243 18.29 -2.67 -33.58
N ALA B 244 19.06 -2.49 -32.50
CA ALA B 244 19.15 -3.41 -31.34
C ALA B 244 17.78 -3.49 -30.64
N ARG B 245 17.06 -2.36 -30.57
CA ARG B 245 15.69 -2.21 -30.00
C ARG B 245 15.57 -3.00 -28.70
N VAL B 246 16.52 -2.81 -27.78
CA VAL B 246 16.54 -3.41 -26.41
C VAL B 246 16.02 -2.40 -25.40
N PRO B 247 14.92 -2.71 -24.66
CA PRO B 247 14.35 -1.79 -23.70
C PRO B 247 15.24 -1.58 -22.46
N CYS B 248 14.91 -0.56 -21.66
CA CYS B 248 15.52 -0.32 -20.33
C CYS B 248 15.07 -1.41 -19.36
N PHE B 249 15.86 -1.69 -18.34
CA PHE B 249 15.53 -2.64 -17.25
C PHE B 249 14.51 -1.98 -16.31
N LEU B 250 13.60 -2.79 -15.77
CA LEU B 250 12.63 -2.39 -14.73
C LEU B 250 13.21 -2.74 -13.36
N ALA B 251 13.43 -1.74 -12.52
CA ALA B 251 14.05 -1.88 -11.19
C ALA B 251 13.27 -1.07 -10.15
N GLY B 252 13.67 -1.21 -8.88
CA GLY B 252 13.07 -0.49 -7.73
C GLY B 252 13.24 1.01 -7.87
N ASP B 253 14.29 1.42 -8.60
CA ASP B 253 14.58 2.85 -8.88
C ASP B 253 14.40 3.13 -10.37
N PHE B 254 13.75 4.27 -10.65
CA PHE B 254 13.40 4.79 -11.99
C PHE B 254 14.62 4.89 -12.90
N ARG B 255 15.80 5.18 -12.34
CA ARG B 255 17.02 5.62 -13.08
C ARG B 255 18.00 4.47 -13.40
N ALA B 256 17.58 3.22 -13.21
CA ALA B 256 18.48 2.03 -13.19
C ALA B 256 19.30 1.92 -14.47
N SER B 257 18.72 2.24 -15.62
CA SER B 257 19.36 2.03 -16.95
C SER B 257 20.06 3.31 -17.44
N GLU B 258 20.20 4.32 -16.58
CA GLU B 258 20.74 5.66 -16.94
C GLU B 258 22.12 5.51 -17.57
N GLN B 259 22.92 4.54 -17.15
CA GLN B 259 24.24 4.23 -17.76
C GLN B 259 24.58 2.77 -17.41
N ILE B 260 25.36 2.12 -18.26
CA ILE B 260 25.45 0.63 -18.37
C ILE B 260 25.91 0.04 -17.03
N LEU B 261 26.88 0.68 -16.37
CA LEU B 261 27.51 0.16 -15.13
C LEU B 261 26.54 0.29 -13.95
N LEU B 262 25.60 1.23 -14.02
CA LEU B 262 24.55 1.38 -12.97
C LEU B 262 23.59 0.19 -13.11
N ALA B 263 23.09 -0.05 -14.33
CA ALA B 263 22.27 -1.21 -14.70
C ALA B 263 22.95 -2.51 -14.23
N THR B 264 24.29 -2.57 -14.39
CA THR B 264 25.14 -3.73 -14.03
C THR B 264 25.08 -3.97 -12.51
N ALA B 265 25.31 -2.92 -11.73
CA ALA B 265 25.27 -2.96 -10.25
C ALA B 265 23.87 -3.38 -9.79
N HIS B 266 22.82 -2.88 -10.46
CA HIS B 266 21.41 -3.25 -10.20
C HIS B 266 21.21 -4.74 -10.44
N THR B 267 21.92 -5.29 -11.43
CA THR B 267 21.87 -6.74 -11.80
C THR B 267 22.52 -7.57 -10.68
N LEU B 268 23.68 -7.17 -10.16
CA LEU B 268 24.36 -7.86 -9.04
C LEU B 268 23.42 -7.93 -7.83
N LEU B 269 22.85 -6.77 -7.44
CA LEU B 269 22.00 -6.62 -6.23
C LEU B 269 20.76 -7.52 -6.37
N LEU B 270 20.19 -7.66 -7.58
CA LEU B 270 18.96 -8.46 -7.82
C LEU B 270 19.29 -9.93 -7.67
N ARG B 271 20.38 -10.35 -8.31
CA ARG B 271 20.87 -11.75 -8.27
C ARG B 271 21.11 -12.14 -6.81
N GLU B 272 21.60 -11.22 -5.98
CA GLU B 272 21.98 -11.47 -4.57
C GLU B 272 20.72 -11.70 -3.73
N HIS B 273 19.62 -11.01 -4.04
CA HIS B 273 18.33 -11.18 -3.32
C HIS B 273 17.79 -12.59 -3.59
N ASN B 274 17.75 -12.96 -4.87
CA ASN B 274 17.29 -14.28 -5.35
C ASN B 274 18.23 -15.36 -4.81
N ARG B 275 19.55 -15.12 -4.78
CA ARG B 275 20.53 -16.08 -4.22
C ARG B 275 20.22 -16.28 -2.73
N LEU B 276 19.86 -15.21 -2.02
CA LEU B 276 19.53 -15.25 -0.57
C LEU B 276 18.21 -16.03 -0.36
N ALA B 277 17.25 -15.90 -1.26
CA ALA B 277 15.90 -16.49 -1.15
C ALA B 277 15.97 -18.02 -1.28
N ARG B 278 16.77 -18.52 -2.23
CA ARG B 278 16.86 -19.96 -2.55
C ARG B 278 17.84 -20.65 -1.60
N GLU B 279 18.64 -19.87 -0.85
CA GLU B 279 19.55 -20.39 0.20
C GLU B 279 18.77 -20.48 1.52
N LEU B 280 17.84 -19.55 1.77
CA LEU B 280 16.94 -19.53 2.96
C LEU B 280 15.83 -20.56 2.76
N LYS B 281 15.49 -20.91 1.52
CA LYS B 281 14.50 -21.97 1.18
C LYS B 281 15.07 -23.34 1.60
N LYS B 282 16.34 -23.60 1.30
CA LYS B 282 17.08 -24.83 1.69
C LYS B 282 17.13 -24.92 3.23
N LEU B 283 17.47 -23.82 3.89
CA LEU B 283 17.65 -23.79 5.36
C LEU B 283 16.28 -23.83 6.08
N ASN B 284 15.22 -23.29 5.48
CA ASN B 284 13.85 -23.16 6.10
C ASN B 284 12.75 -23.53 5.09
N PRO B 285 12.57 -24.82 4.72
CA PRO B 285 11.60 -25.20 3.67
C PRO B 285 10.14 -24.83 3.96
N HIS B 286 9.82 -24.66 5.26
CA HIS B 286 8.47 -24.34 5.80
C HIS B 286 8.12 -22.85 5.60
N TRP B 287 9.13 -21.99 5.39
CA TRP B 287 8.97 -20.52 5.17
C TRP B 287 8.29 -20.27 3.83
N ASN B 288 7.32 -19.32 3.81
CA ASN B 288 6.49 -19.00 2.62
C ASN B 288 7.08 -17.80 1.86
N GLY B 289 6.50 -17.46 0.71
CA GLY B 289 6.95 -16.40 -0.22
C GLY B 289 7.27 -15.09 0.49
N GLU B 290 6.33 -14.55 1.26
CA GLU B 290 6.45 -13.27 2.00
C GLU B 290 7.71 -13.31 2.88
N LYS B 291 7.87 -14.38 3.66
CA LYS B 291 8.92 -14.52 4.69
C LYS B 291 10.31 -14.57 4.03
N LEU B 292 10.43 -15.32 2.92
CA LEU B 292 11.68 -15.44 2.14
C LEU B 292 12.06 -14.06 1.58
N TYR B 293 11.15 -13.42 0.85
CA TYR B 293 11.31 -12.06 0.27
C TYR B 293 11.82 -11.12 1.38
N GLN B 294 11.05 -11.01 2.47
CA GLN B 294 11.29 -9.97 3.51
C GLN B 294 12.65 -10.21 4.18
N GLU B 295 13.05 -11.46 4.42
CA GLU B 295 14.32 -11.80 5.13
C GLU B 295 15.48 -11.54 4.16
N ALA B 296 15.35 -12.01 2.91
CA ALA B 296 16.30 -11.73 1.81
C ALA B 296 16.48 -10.21 1.69
N ARG B 297 15.38 -9.48 1.56
CA ARG B 297 15.32 -7.99 1.51
C ARG B 297 16.08 -7.39 2.71
N LYS B 298 15.87 -7.93 3.91
CA LYS B 298 16.45 -7.39 5.17
C LYS B 298 17.97 -7.56 5.13
N ILE B 299 18.43 -8.74 4.71
CA ILE B 299 19.87 -9.09 4.57
C ILE B 299 20.51 -8.13 3.55
N LEU B 300 19.94 -8.03 2.35
CA LEU B 300 20.48 -7.17 1.27
C LEU B 300 20.54 -5.72 1.77
N GLY B 301 19.43 -5.25 2.34
CA GLY B 301 19.35 -3.96 3.05
C GLY B 301 20.57 -3.71 3.91
N ALA B 302 20.98 -4.69 4.71
CA ALA B 302 22.09 -4.57 5.69
C ALA B 302 23.42 -4.62 4.94
N PHE B 303 23.51 -5.41 3.87
CA PHE B 303 24.74 -5.51 3.03
C PHE B 303 25.14 -4.09 2.58
N ILE B 304 24.20 -3.40 1.94
CA ILE B 304 24.37 -2.02 1.40
C ILE B 304 24.85 -1.10 2.53
N GLN B 305 24.20 -1.14 3.69
CA GLN B 305 24.53 -0.31 4.88
C GLN B 305 25.99 -0.55 5.31
N ILE B 306 26.41 -1.81 5.37
CA ILE B 306 27.75 -2.21 5.89
C ILE B 306 28.84 -1.76 4.90
N ILE B 307 28.68 -2.08 3.61
CA ILE B 307 29.62 -1.69 2.52
C ILE B 307 29.75 -0.17 2.51
N THR B 308 28.63 0.54 2.67
CA THR B 308 28.55 2.02 2.64
C THR B 308 29.36 2.63 3.80
N PHE B 309 29.12 2.16 5.02
CA PHE B 309 29.65 2.78 6.27
C PHE B 309 31.04 2.24 6.64
N ARG B 310 31.29 0.94 6.43
CA ARG B 310 32.60 0.32 6.78
C ARG B 310 33.63 0.62 5.70
N ASP B 311 33.28 0.53 4.41
CA ASP B 311 34.24 0.57 3.26
C ASP B 311 34.20 1.90 2.52
N TYR B 312 33.02 2.43 2.21
CA TYR B 312 32.82 3.54 1.23
C TYR B 312 33.10 4.89 1.89
N LEU B 313 32.38 5.21 2.98
CA LEU B 313 32.39 6.57 3.58
C LEU B 313 33.76 6.89 4.18
N PRO B 314 34.49 5.92 4.77
CA PRO B 314 35.86 6.18 5.23
C PRO B 314 36.78 6.74 4.14
N ILE B 315 36.64 6.30 2.89
CA ILE B 315 37.53 6.74 1.77
C ILE B 315 36.94 7.97 1.08
N VAL B 316 35.68 8.31 1.36
CA VAL B 316 35.06 9.60 0.93
C VAL B 316 35.50 10.67 1.94
N LEU B 317 35.22 10.46 3.22
CA LEU B 317 35.33 11.48 4.29
C LEU B 317 36.77 11.57 4.82
N GLY B 318 37.55 10.48 4.68
CA GLY B 318 38.95 10.38 5.12
C GLY B 318 39.13 10.85 6.56
N SER B 319 39.92 11.91 6.75
CA SER B 319 40.32 12.49 8.06
C SER B 319 39.11 12.98 8.85
N GLU B 320 37.97 13.20 8.19
CA GLU B 320 36.75 13.79 8.80
C GLU B 320 35.74 12.69 9.19
N MET B 321 36.07 11.41 8.98
CA MET B 321 35.16 10.26 9.21
C MET B 321 34.70 10.28 10.66
N GLN B 322 35.64 10.24 11.62
CA GLN B 322 35.38 10.09 13.08
C GLN B 322 34.66 11.34 13.62
N LYS B 323 34.96 12.51 13.05
CA LYS B 323 34.35 13.82 13.42
C LYS B 323 32.83 13.79 13.23
N TRP B 324 32.34 13.24 12.10
CA TRP B 324 30.92 13.36 11.66
C TRP B 324 30.16 12.05 11.86
N ILE B 325 30.80 10.92 11.53
CA ILE B 325 30.26 9.54 11.77
C ILE B 325 31.19 8.87 12.79
N PRO B 326 30.98 9.11 14.10
CA PRO B 326 31.73 8.41 15.14
C PRO B 326 31.24 6.97 15.24
N PRO B 327 31.86 6.14 16.12
CA PRO B 327 31.30 4.83 16.46
C PRO B 327 29.82 4.92 16.89
N TYR B 328 29.04 3.89 16.57
CA TYR B 328 27.56 3.82 16.73
C TYR B 328 27.18 3.69 18.22
N GLN B 329 26.29 4.54 18.70
CA GLN B 329 25.79 4.56 20.10
C GLN B 329 24.28 4.24 20.14
N GLY B 330 23.73 3.62 19.09
CA GLY B 330 22.35 3.08 19.09
C GLY B 330 21.32 4.05 18.52
N TYR B 331 20.10 3.55 18.26
CA TYR B 331 18.98 4.28 17.63
C TYR B 331 18.53 5.44 18.51
N ASN B 332 18.75 6.67 18.04
CA ASN B 332 18.28 7.94 18.68
C ASN B 332 17.02 8.39 17.92
N ASN B 333 15.84 8.16 18.48
CA ASN B 333 14.55 8.36 17.77
C ASN B 333 14.18 9.84 17.68
N SER B 334 15.02 10.76 18.17
CA SER B 334 14.78 12.23 18.09
C SER B 334 15.62 12.85 16.97
N VAL B 335 16.46 12.06 16.28
CA VAL B 335 17.25 12.50 15.09
C VAL B 335 16.34 12.45 13.85
N ASP B 336 16.45 13.46 12.99
CA ASP B 336 15.71 13.59 11.70
C ASP B 336 16.35 12.65 10.68
N PRO B 337 15.67 11.55 10.28
CA PRO B 337 16.25 10.61 9.32
C PRO B 337 16.16 11.07 7.85
N ARG B 338 15.38 12.13 7.58
CA ARG B 338 15.02 12.58 6.20
C ARG B 338 16.28 13.05 5.47
N ILE B 339 16.34 12.84 4.15
CA ILE B 339 17.41 13.43 3.31
C ILE B 339 17.12 14.91 3.14
N SER B 340 18.12 15.74 3.39
CA SER B 340 18.07 17.20 3.20
C SER B 340 18.16 17.53 1.71
N ASN B 341 17.57 18.66 1.32
CA ASN B 341 17.66 19.24 -0.04
C ASN B 341 19.14 19.34 -0.39
N VAL B 342 19.97 19.91 0.49
CA VAL B 342 21.40 20.25 0.21
C VAL B 342 22.21 18.97 -0.03
N PHE B 343 21.87 17.88 0.65
CA PHE B 343 22.61 16.60 0.52
C PHE B 343 22.55 16.18 -0.95
N THR B 344 21.37 16.24 -1.56
CA THR B 344 21.11 15.82 -2.97
C THR B 344 22.08 16.53 -3.93
N PHE B 345 22.63 17.70 -3.55
CA PHE B 345 23.65 18.44 -4.34
C PHE B 345 25.06 18.11 -3.84
N ALA B 346 25.22 17.93 -2.53
CA ALA B 346 26.50 17.53 -1.90
C ALA B 346 27.00 16.22 -2.52
N PHE B 347 26.11 15.22 -2.65
CA PHE B 347 26.44 13.85 -3.09
C PHE B 347 26.71 13.80 -4.60
N ARG B 348 26.49 14.91 -5.32
CA ARG B 348 26.80 15.05 -6.77
C ARG B 348 28.30 15.33 -6.95
N PHE B 349 29.12 15.23 -5.89
CA PHE B 349 30.59 15.16 -6.01
C PHE B 349 30.95 14.01 -6.95
N GLY B 350 30.09 12.99 -7.00
CA GLY B 350 30.26 11.80 -7.86
C GLY B 350 30.52 12.17 -9.30
N HIS B 351 29.92 13.28 -9.76
CA HIS B 351 29.93 13.68 -11.20
C HIS B 351 31.36 13.93 -11.65
N MET B 352 32.27 14.29 -10.74
CA MET B 352 33.67 14.66 -11.07
C MET B 352 34.59 13.43 -10.96
N GLU B 353 34.01 12.27 -10.67
CA GLU B 353 34.72 10.97 -10.48
C GLU B 353 34.44 10.05 -11.66
N VAL B 354 33.59 10.47 -12.60
CA VAL B 354 33.17 9.66 -13.78
C VAL B 354 34.18 9.91 -14.89
N PRO B 355 34.92 8.87 -15.33
CA PRO B 355 35.89 9.02 -16.40
C PRO B 355 35.19 8.86 -17.76
N SER B 356 35.91 9.12 -18.85
CA SER B 356 35.37 9.28 -20.22
C SER B 356 35.10 7.92 -20.89
N THR B 357 35.58 6.81 -20.33
CA THR B 357 35.47 5.48 -20.98
C THR B 357 35.08 4.39 -20.00
N VAL B 358 34.44 3.35 -20.52
CA VAL B 358 34.08 2.10 -19.82
C VAL B 358 34.70 0.96 -20.62
N SER B 359 35.49 0.10 -19.96
CA SER B 359 36.21 -1.06 -20.56
C SER B 359 35.45 -2.35 -20.26
N ARG B 360 35.35 -3.25 -21.24
CA ARG B 360 35.02 -4.69 -21.03
C ARG B 360 36.33 -5.48 -21.03
N LEU B 361 36.56 -6.29 -19.98
CA LEU B 361 37.78 -7.11 -19.78
C LEU B 361 37.42 -8.59 -19.78
N ASP B 362 38.27 -9.44 -20.37
CA ASP B 362 38.05 -10.91 -20.51
C ASP B 362 38.47 -11.60 -19.21
N GLU B 363 38.60 -12.94 -19.23
CA GLU B 363 38.83 -13.79 -18.03
C GLU B 363 40.23 -13.55 -17.46
N ASN B 364 41.18 -13.10 -18.30
CA ASN B 364 42.55 -12.71 -17.89
C ASN B 364 42.66 -11.19 -17.63
N TYR B 365 41.52 -10.51 -17.50
CA TYR B 365 41.41 -9.03 -17.36
C TYR B 365 42.20 -8.35 -18.48
N GLN B 366 42.06 -8.87 -19.70
CA GLN B 366 42.58 -8.25 -20.96
C GLN B 366 41.40 -7.64 -21.71
N PRO B 367 41.62 -6.65 -22.60
CA PRO B 367 40.56 -6.20 -23.50
C PRO B 367 39.73 -7.34 -24.10
N TRP B 368 38.41 -7.27 -23.93
CA TRP B 368 37.39 -8.25 -24.39
C TRP B 368 36.86 -7.83 -25.76
N GLY B 369 37.00 -8.71 -26.76
CA GLY B 369 36.56 -8.46 -28.15
C GLY B 369 37.40 -7.36 -28.79
N PRO B 370 36.99 -6.86 -29.98
CA PRO B 370 37.72 -5.79 -30.65
C PRO B 370 37.54 -4.46 -29.91
N GLU B 371 36.29 -4.08 -29.65
CA GLU B 371 35.89 -2.74 -29.11
C GLU B 371 35.74 -2.83 -27.58
N ALA B 372 36.83 -3.10 -26.86
CA ALA B 372 36.82 -3.27 -25.39
C ALA B 372 36.46 -1.93 -24.73
N GLU B 373 37.17 -0.86 -25.11
CA GLU B 373 37.04 0.51 -24.52
C GLU B 373 35.99 1.32 -25.29
N LEU B 374 34.88 1.67 -24.63
CA LEU B 374 33.75 2.44 -25.21
C LEU B 374 33.69 3.83 -24.55
N PRO B 375 33.42 4.91 -25.32
CA PRO B 375 33.27 6.23 -24.72
C PRO B 375 31.96 6.27 -23.91
N LEU B 376 32.01 6.95 -22.77
CA LEU B 376 30.93 6.90 -21.76
C LEU B 376 29.61 7.31 -22.42
N HIS B 377 29.64 8.29 -23.31
CA HIS B 377 28.40 8.96 -23.83
C HIS B 377 27.57 7.98 -24.66
N THR B 378 28.19 6.91 -25.15
CA THR B 378 27.48 5.89 -25.96
C THR B 378 26.75 4.91 -25.05
N LEU B 379 26.98 5.00 -23.73
CA LEU B 379 26.46 3.99 -22.76
C LEU B 379 25.35 4.59 -21.89
N PHE B 380 24.87 5.81 -22.19
CA PHE B 380 23.66 6.39 -21.57
C PHE B 380 22.44 5.64 -22.11
N PHE B 381 21.64 5.09 -21.19
CA PHE B 381 20.42 4.31 -21.48
C PHE B 381 20.74 3.17 -22.46
N ASN B 382 21.90 2.53 -22.28
CA ASN B 382 22.39 1.43 -23.13
C ASN B 382 22.28 0.08 -22.42
N THR B 383 21.23 -0.69 -22.73
CA THR B 383 20.99 -2.07 -22.24
C THR B 383 21.44 -3.13 -23.27
N TRP B 384 21.50 -2.77 -24.57
CA TRP B 384 21.85 -3.71 -25.67
C TRP B 384 23.28 -4.20 -25.51
N ARG B 385 24.20 -3.32 -25.14
CA ARG B 385 25.64 -3.65 -24.93
C ARG B 385 25.81 -4.72 -23.86
N ILE B 386 24.82 -4.90 -22.96
CA ILE B 386 24.79 -5.99 -21.94
C ILE B 386 24.18 -7.22 -22.60
N ILE B 387 22.93 -7.13 -23.04
CA ILE B 387 22.14 -8.29 -23.55
C ILE B 387 22.87 -8.92 -24.73
N LYS B 388 23.37 -8.12 -25.67
CA LYS B 388 23.85 -8.59 -27.01
C LYS B 388 25.38 -8.49 -27.15
N ASP B 389 26.13 -8.19 -26.07
CA ASP B 389 27.62 -8.07 -26.09
C ASP B 389 28.22 -8.52 -24.73
N GLY B 390 28.12 -9.80 -24.36
CA GLY B 390 29.00 -10.45 -23.36
C GLY B 390 28.47 -10.52 -21.94
N GLY B 391 27.27 -10.00 -21.66
CA GLY B 391 26.69 -9.97 -20.29
C GLY B 391 27.37 -8.93 -19.42
N ILE B 392 27.34 -9.10 -18.09
CA ILE B 392 27.83 -8.08 -17.10
C ILE B 392 29.23 -8.42 -16.62
N ASP B 393 29.74 -9.63 -16.88
CA ASP B 393 31.02 -10.10 -16.30
C ASP B 393 32.16 -9.22 -16.83
N PRO B 394 32.28 -9.01 -18.16
CA PRO B 394 33.36 -8.16 -18.68
C PRO B 394 33.28 -6.75 -18.10
N LEU B 395 32.06 -6.25 -17.89
CA LEU B 395 31.78 -4.90 -17.33
C LEU B 395 32.20 -4.87 -15.85
N VAL B 396 31.90 -5.94 -15.11
CA VAL B 396 32.21 -6.01 -13.65
C VAL B 396 33.74 -6.06 -13.49
N ARG B 397 34.46 -6.78 -14.37
CA ARG B 397 35.94 -6.83 -14.30
C ARG B 397 36.48 -5.41 -14.51
N GLY B 398 35.90 -4.68 -15.46
CA GLY B 398 36.19 -3.25 -15.69
C GLY B 398 36.09 -2.43 -14.42
N LEU B 399 35.06 -2.68 -13.61
CA LEU B 399 34.79 -1.90 -12.37
C LEU B 399 35.92 -2.13 -11.35
N LEU B 400 36.46 -3.34 -11.29
CA LEU B 400 37.54 -3.73 -10.32
C LEU B 400 38.91 -3.23 -10.81
N ALA B 401 39.17 -3.30 -12.12
CA ALA B 401 40.52 -3.20 -12.71
C ALA B 401 40.77 -1.82 -13.30
N LYS B 402 39.74 -1.05 -13.63
CA LYS B 402 39.90 0.34 -14.14
C LYS B 402 39.72 1.34 -13.00
N LYS B 403 40.18 2.57 -13.19
CA LYS B 403 40.15 3.62 -12.15
C LYS B 403 39.00 4.59 -12.42
N SER B 404 38.35 5.04 -11.36
CA SER B 404 37.54 6.28 -11.28
C SER B 404 38.37 7.47 -11.77
N LYS B 405 37.70 8.50 -12.28
CA LYS B 405 38.33 9.82 -12.54
C LYS B 405 38.58 10.49 -11.21
N LEU B 406 39.68 11.21 -11.08
CA LEU B 406 40.01 11.98 -9.86
C LEU B 406 39.43 13.38 -10.03
N MET B 407 38.78 13.91 -9.00
CA MET B 407 38.41 15.34 -8.96
C MET B 407 39.70 16.16 -9.13
N ASN B 408 39.64 17.19 -9.98
CA ASN B 408 40.81 18.01 -10.37
C ASN B 408 40.31 19.42 -10.66
N GLN B 409 40.87 20.43 -9.97
CA GLN B 409 40.42 21.85 -10.02
C GLN B 409 40.50 22.39 -11.45
N ASP B 410 41.39 21.85 -12.29
CA ASP B 410 41.58 22.28 -13.71
C ASP B 410 40.85 21.33 -14.66
N LYS B 411 40.40 20.16 -14.17
CA LYS B 411 39.67 19.13 -14.98
C LYS B 411 38.53 18.50 -14.17
N MET B 412 37.37 19.15 -14.11
CA MET B 412 36.30 18.82 -13.14
C MET B 412 35.32 17.77 -13.67
N VAL B 413 34.66 18.04 -14.80
CA VAL B 413 33.65 17.09 -15.39
C VAL B 413 34.01 16.81 -16.85
N THR B 414 34.15 15.52 -17.18
CA THR B 414 34.42 15.02 -18.56
C THR B 414 33.35 15.52 -19.52
N SER B 415 33.74 15.87 -20.74
CA SER B 415 32.82 16.32 -21.82
C SER B 415 31.78 15.23 -22.12
N GLU B 416 32.09 13.96 -21.81
CA GLU B 416 31.10 12.85 -21.95
C GLU B 416 29.83 13.23 -21.15
N LEU B 417 29.96 13.87 -19.99
CA LEU B 417 28.81 14.37 -19.17
C LEU B 417 28.55 15.86 -19.43
N ARG B 418 29.60 16.65 -19.69
CA ARG B 418 29.47 18.14 -19.75
C ARG B 418 28.90 18.57 -21.11
N ASN B 419 29.14 17.84 -22.18
CA ASN B 419 28.65 18.23 -23.53
C ASN B 419 27.77 17.18 -24.19
N LYS B 420 27.90 15.90 -23.80
CA LYS B 420 27.33 14.78 -24.59
C LYS B 420 26.37 13.96 -23.73
N LEU B 421 25.83 14.55 -22.66
CA LEU B 421 24.86 13.84 -21.81
C LEU B 421 23.59 13.63 -22.63
N PHE B 422 22.98 12.45 -22.50
CA PHE B 422 21.67 12.13 -23.11
C PHE B 422 20.61 12.21 -22.01
N GLN B 423 19.52 12.92 -22.30
CA GLN B 423 18.33 13.00 -21.40
C GLN B 423 17.21 12.15 -21.99
N PRO B 424 16.57 11.28 -21.19
CA PRO B 424 15.61 10.30 -21.68
C PRO B 424 14.47 10.76 -22.60
N THR B 425 14.07 12.02 -22.57
CA THR B 425 12.87 12.50 -23.33
C THR B 425 13.27 13.31 -24.57
N HIS B 426 14.54 13.66 -24.69
CA HIS B 426 15.08 14.51 -25.79
C HIS B 426 15.88 13.59 -26.72
N LYS B 427 16.34 14.10 -27.87
CA LYS B 427 16.77 13.27 -29.03
C LYS B 427 18.30 13.23 -29.15
N ILE B 428 19.00 14.18 -28.52
CA ILE B 428 20.42 14.48 -28.83
C ILE B 428 21.32 14.08 -27.64
N HIS B 429 22.55 13.68 -27.96
CA HIS B 429 23.67 13.51 -27.00
C HIS B 429 24.33 14.88 -26.81
N GLY B 430 23.62 15.87 -26.24
CA GLY B 430 24.01 17.30 -26.32
C GLY B 430 23.85 18.10 -25.04
N PHE B 431 23.54 17.47 -23.90
CA PHE B 431 23.25 18.18 -22.62
C PHE B 431 24.52 18.29 -21.76
N ASP B 432 24.46 19.14 -20.73
CA ASP B 432 25.57 19.48 -19.81
C ASP B 432 25.13 19.19 -18.36
N LEU B 433 25.61 18.10 -17.77
CA LEU B 433 25.25 17.68 -16.41
C LEU B 433 25.64 18.78 -15.42
N ALA B 434 26.79 19.42 -15.60
CA ALA B 434 27.31 20.44 -14.67
C ALA B 434 26.38 21.64 -14.69
N ALA B 435 26.02 22.12 -15.88
CA ALA B 435 25.04 23.22 -16.09
C ALA B 435 23.72 22.87 -15.41
N ILE B 436 23.24 21.63 -15.60
CA ILE B 436 21.98 21.12 -14.99
C ILE B 436 22.10 21.21 -13.47
N ASN B 437 23.27 20.84 -12.92
CA ASN B 437 23.52 20.87 -11.45
C ASN B 437 23.36 22.31 -10.95
N LEU B 438 24.06 23.25 -11.57
CA LEU B 438 24.00 24.68 -11.17
C LEU B 438 22.56 25.19 -11.31
N GLN B 439 21.90 24.90 -12.42
CA GLN B 439 20.51 25.35 -12.65
C GLN B 439 19.61 24.76 -11.56
N ARG B 440 19.89 23.52 -11.17
CA ARG B 440 19.03 22.72 -10.28
C ARG B 440 19.17 23.22 -8.85
N CYS B 441 20.38 23.62 -8.44
CA CYS B 441 20.66 24.29 -7.14
C CYS B 441 19.70 25.48 -7.02
N ARG B 442 19.62 26.30 -8.06
CA ARG B 442 18.77 27.51 -8.07
C ARG B 442 17.30 27.09 -7.99
N ASP B 443 16.88 26.16 -8.84
CA ASP B 443 15.50 25.57 -8.85
C ASP B 443 15.12 25.17 -7.41
N HIS B 444 16.05 24.57 -6.66
CA HIS B 444 15.77 23.99 -5.33
C HIS B 444 15.91 25.08 -4.26
N GLY B 445 16.04 26.35 -4.67
CA GLY B 445 16.23 27.48 -3.75
C GLY B 445 17.36 27.22 -2.76
N MET B 446 18.50 26.74 -3.25
CA MET B 446 19.70 26.44 -2.42
C MET B 446 20.29 27.74 -1.90
N PRO B 447 20.54 27.84 -0.58
CA PRO B 447 21.46 28.84 -0.04
C PRO B 447 22.86 28.71 -0.66
N GLY B 448 23.64 29.79 -0.61
CA GLY B 448 24.97 29.89 -1.23
C GLY B 448 26.05 29.14 -0.48
N TYR B 449 27.25 29.14 -1.06
CA TYR B 449 28.49 28.53 -0.52
C TYR B 449 28.67 28.96 0.94
N ASN B 450 28.74 30.26 1.21
CA ASN B 450 29.06 30.83 2.56
C ASN B 450 27.95 30.46 3.55
N SER B 451 26.68 30.54 3.16
CA SER B 451 25.56 30.04 3.99
C SER B 451 25.86 28.63 4.52
N TRP B 452 26.38 27.73 3.66
CA TRP B 452 26.71 26.33 4.00
C TRP B 452 28.06 26.24 4.70
N ARG B 453 29.02 27.08 4.32
CA ARG B 453 30.31 27.21 5.05
C ARG B 453 29.99 27.54 6.50
N GLY B 454 29.17 28.59 6.71
CA GLY B 454 28.63 29.01 8.01
C GLY B 454 28.00 27.85 8.75
N PHE B 455 27.03 27.17 8.12
CA PHE B 455 26.28 26.00 8.66
C PHE B 455 27.25 24.93 9.18
N CYS B 456 28.48 24.90 8.65
CA CYS B 456 29.52 23.87 8.99
C CYS B 456 30.61 24.50 9.87
N GLY B 457 30.39 25.72 10.35
CA GLY B 457 31.30 26.43 11.27
C GLY B 457 32.68 26.55 10.65
N LEU B 458 32.73 26.81 9.35
CA LEU B 458 33.97 27.01 8.58
C LEU B 458 34.01 28.47 8.16
N SER B 459 35.20 29.00 7.86
CA SER B 459 35.40 30.42 7.50
C SER B 459 34.57 30.75 6.25
N GLN B 460 34.15 32.02 6.14
CA GLN B 460 33.26 32.54 5.09
C GLN B 460 34.00 33.60 4.28
N PRO B 461 34.85 33.23 3.30
CA PRO B 461 35.61 34.20 2.52
C PRO B 461 34.72 35.23 1.81
N LYS B 462 35.08 36.50 1.89
CA LYS B 462 34.31 37.62 1.29
C LYS B 462 35.14 38.26 0.17
N THR B 463 36.38 37.81 -0.03
CA THR B 463 37.39 38.47 -0.90
C THR B 463 38.08 37.44 -1.81
N LEU B 464 38.60 37.91 -2.93
CA LEU B 464 39.48 37.14 -3.85
C LEU B 464 40.55 36.40 -3.01
N LYS B 465 41.31 37.14 -2.19
CA LYS B 465 42.46 36.58 -1.42
C LYS B 465 41.95 35.52 -0.43
N GLY B 466 40.84 35.78 0.25
CA GLY B 466 40.23 34.83 1.21
C GLY B 466 39.80 33.54 0.54
N LEU B 467 39.22 33.66 -0.67
CA LEU B 467 38.80 32.48 -1.48
C LEU B 467 40.05 31.74 -1.97
N GLN B 468 41.03 32.45 -2.53
CA GLN B 468 42.34 31.88 -2.96
C GLN B 468 42.87 30.97 -1.85
N THR B 469 42.72 31.40 -0.59
CA THR B 469 43.28 30.73 0.61
C THR B 469 42.57 29.39 0.80
N VAL B 470 41.23 29.39 0.78
CA VAL B 470 40.38 28.19 1.03
C VAL B 470 40.58 27.18 -0.11
N LEU B 471 40.62 27.66 -1.35
CA LEU B 471 40.70 26.81 -2.57
C LEU B 471 42.16 26.45 -2.90
N LYS B 472 43.13 27.08 -2.24
CA LYS B 472 44.58 26.87 -2.49
C LYS B 472 44.86 26.96 -4.00
N ASN B 473 44.17 27.84 -4.71
CA ASN B 473 44.33 27.99 -6.18
C ASN B 473 43.90 29.40 -6.61
N LYS B 474 44.84 30.19 -7.13
CA LYS B 474 44.65 31.64 -7.41
C LYS B 474 43.76 31.80 -8.65
N ILE B 475 44.06 31.08 -9.73
CA ILE B 475 43.36 31.22 -11.05
C ILE B 475 41.90 30.75 -10.93
N LEU B 476 41.64 29.69 -10.14
CA LEU B 476 40.28 29.16 -9.87
C LEU B 476 39.46 30.22 -9.11
N ALA B 477 40.03 30.76 -8.03
CA ALA B 477 39.40 31.80 -7.19
C ALA B 477 39.07 33.02 -8.06
N LYS B 478 40.01 33.47 -8.88
CA LYS B 478 39.84 34.66 -9.76
C LYS B 478 38.65 34.44 -10.71
N LYS B 479 38.59 33.26 -11.34
CA LYS B 479 37.52 32.87 -12.29
C LYS B 479 36.17 32.87 -11.57
N LEU B 480 36.12 32.29 -10.36
CA LEU B 480 34.90 32.24 -9.53
C LEU B 480 34.44 33.67 -9.20
N MET B 481 35.36 34.57 -8.83
CA MET B 481 35.00 35.97 -8.46
C MET B 481 34.52 36.71 -9.71
N ASP B 482 35.20 36.56 -10.86
CA ASP B 482 34.81 37.25 -12.14
C ASP B 482 33.33 36.97 -12.47
N LEU B 483 32.85 35.77 -12.11
CA LEU B 483 31.50 35.25 -12.50
C LEU B 483 30.47 35.53 -11.39
N TYR B 484 30.80 35.26 -10.12
CA TYR B 484 29.88 35.29 -8.96
C TYR B 484 29.98 36.62 -8.18
N LYS B 485 31.11 37.34 -8.28
CA LYS B 485 31.36 38.67 -7.70
C LYS B 485 31.56 38.54 -6.18
N THR B 486 30.75 37.72 -5.52
CA THR B 486 30.93 37.39 -4.07
C THR B 486 30.88 35.87 -3.90
N PRO B 487 31.75 35.28 -3.04
CA PRO B 487 31.60 33.89 -2.63
C PRO B 487 30.23 33.55 -2.02
N ASP B 488 29.48 34.55 -1.55
CA ASP B 488 28.09 34.39 -1.04
C ASP B 488 27.17 33.86 -2.15
N ASN B 489 27.43 34.22 -3.40
CA ASN B 489 26.54 33.92 -4.56
C ASN B 489 26.92 32.58 -5.20
N ILE B 490 28.08 32.00 -4.85
CA ILE B 490 28.62 30.77 -5.50
C ILE B 490 27.67 29.61 -5.20
N ASP B 491 27.09 29.01 -6.25
CA ASP B 491 26.13 27.88 -6.12
C ASP B 491 26.82 26.73 -5.36
N ILE B 492 26.11 26.12 -4.40
CA ILE B 492 26.69 25.14 -3.44
C ILE B 492 27.48 24.05 -4.18
N TRP B 493 26.94 23.52 -5.29
CA TRP B 493 27.53 22.35 -6.00
C TRP B 493 28.96 22.69 -6.45
N ILE B 494 29.17 23.81 -7.13
CA ILE B 494 30.52 24.18 -7.66
C ILE B 494 31.41 24.61 -6.49
N GLY B 495 30.84 25.23 -5.46
CA GLY B 495 31.56 25.70 -4.26
C GLY B 495 32.17 24.56 -3.46
N GLY B 496 31.37 23.58 -3.05
CA GLY B 496 31.86 22.40 -2.32
C GLY B 496 32.91 21.63 -3.12
N ASN B 497 32.69 21.47 -4.43
CA ASN B 497 33.53 20.63 -5.31
C ASN B 497 34.80 21.37 -5.73
N ALA B 498 34.85 22.69 -5.54
CA ALA B 498 36.05 23.53 -5.83
C ALA B 498 37.09 23.33 -4.72
N GLU B 499 36.65 22.93 -3.51
CA GLU B 499 37.49 22.83 -2.30
C GLU B 499 38.45 21.65 -2.44
N PRO B 500 39.79 21.88 -2.29
CA PRO B 500 40.77 20.80 -2.25
C PRO B 500 40.34 19.68 -1.31
N MET B 501 40.55 18.43 -1.72
CA MET B 501 40.11 17.22 -0.98
C MET B 501 40.86 17.12 0.35
N VAL B 502 40.21 16.56 1.36
CA VAL B 502 40.77 16.38 2.73
C VAL B 502 41.71 15.18 2.72
N GLU B 503 42.59 15.09 3.73
CA GLU B 503 43.63 14.03 3.87
C GLU B 503 42.95 12.65 3.84
N ARG B 504 43.36 11.79 2.92
CA ARG B 504 42.91 10.36 2.80
C ARG B 504 41.44 10.30 2.37
N GLY B 505 40.86 11.40 1.88
CA GLY B 505 39.44 11.48 1.51
C GLY B 505 39.27 11.89 0.06
N ARG B 506 38.03 12.05 -0.41
CA ARG B 506 37.75 12.33 -1.84
C ARG B 506 36.75 13.49 -1.99
N VAL B 507 36.64 14.35 -0.97
CA VAL B 507 35.81 15.59 -0.99
C VAL B 507 36.49 16.63 -0.10
N GLY B 508 36.06 17.89 -0.21
CA GLY B 508 36.59 19.02 0.57
C GLY B 508 36.02 19.06 1.98
N PRO B 509 36.46 20.02 2.84
CA PRO B 509 35.94 20.10 4.21
C PRO B 509 34.43 20.37 4.31
N LEU B 510 33.91 21.18 3.40
CA LEU B 510 32.48 21.58 3.37
C LEU B 510 31.59 20.37 3.04
N LEU B 511 31.97 19.57 2.03
CA LEU B 511 31.16 18.40 1.61
C LEU B 511 31.31 17.30 2.65
N ALA B 512 32.50 17.17 3.24
CA ALA B 512 32.75 16.22 4.35
C ALA B 512 31.70 16.47 5.43
N CYS B 513 31.50 17.76 5.77
CA CYS B 513 30.54 18.23 6.79
C CYS B 513 29.12 17.83 6.36
N LEU B 514 28.72 18.22 5.15
CA LEU B 514 27.35 18.02 4.62
C LEU B 514 27.08 16.53 4.45
N LEU B 515 28.00 15.78 3.82
CA LEU B 515 27.83 14.33 3.62
C LEU B 515 27.84 13.67 5.01
N GLY B 516 28.88 13.92 5.80
CA GLY B 516 29.05 13.35 7.16
C GLY B 516 27.81 13.49 8.01
N ARG B 517 27.25 14.71 8.08
CA ARG B 517 26.03 15.03 8.88
C ARG B 517 24.87 14.15 8.41
N GLN B 518 24.63 14.06 7.10
CA GLN B 518 23.46 13.33 6.55
C GLN B 518 23.64 11.84 6.85
N PHE B 519 24.84 11.30 6.62
CA PHE B 519 25.11 9.85 6.79
C PHE B 519 24.97 9.47 8.28
N GLN B 520 25.47 10.31 9.18
CA GLN B 520 25.28 10.16 10.65
C GLN B 520 23.77 10.04 10.92
N GLN B 521 22.96 10.92 10.32
CA GLN B 521 21.51 11.02 10.59
C GLN B 521 20.75 9.82 10.03
N ILE B 522 21.10 9.28 8.86
CA ILE B 522 20.30 8.16 8.26
C ILE B 522 20.66 6.87 9.00
N ARG B 523 21.82 6.81 9.65
CA ARG B 523 22.20 5.69 10.56
C ARG B 523 21.46 5.84 11.90
N ASP B 524 21.80 6.88 12.65
CA ASP B 524 21.31 7.12 14.04
C ASP B 524 19.77 7.17 14.06
N GLY B 525 19.17 7.74 13.02
CA GLY B 525 17.71 8.00 12.95
C GLY B 525 16.94 6.84 12.37
N ASP B 526 17.61 5.73 12.04
CA ASP B 526 16.98 4.53 11.42
C ASP B 526 16.70 3.50 12.50
N ARG B 527 15.43 3.18 12.73
CA ARG B 527 15.01 2.20 13.76
C ARG B 527 15.33 0.77 13.29
N PHE B 528 15.53 0.56 11.99
CA PHE B 528 15.92 -0.76 11.41
C PHE B 528 17.39 -0.79 10.98
N TRP B 529 18.21 0.15 11.45
CA TRP B 529 19.69 0.09 11.27
C TRP B 529 20.15 -1.31 11.66
N TRP B 530 21.13 -1.87 10.94
CA TRP B 530 21.58 -3.29 11.09
C TRP B 530 22.20 -3.52 12.47
N GLU B 531 22.93 -2.54 13.03
CA GLU B 531 23.65 -2.62 14.33
C GLU B 531 22.69 -2.34 15.51
N ASN B 532 21.50 -1.78 15.26
CA ASN B 532 20.51 -1.48 16.33
C ASN B 532 20.09 -2.80 16.96
N PRO B 533 20.31 -2.99 18.28
CA PRO B 533 19.88 -4.21 18.96
C PRO B 533 18.44 -4.60 18.62
N GLY B 534 18.22 -5.88 18.28
CA GLY B 534 16.88 -6.47 18.08
C GLY B 534 16.48 -6.57 16.62
N VAL B 535 17.13 -5.80 15.75
CA VAL B 535 16.92 -5.84 14.27
C VAL B 535 17.47 -7.18 13.78
N PHE B 536 18.73 -7.48 14.12
CA PHE B 536 19.40 -8.78 13.88
C PHE B 536 19.82 -9.36 15.23
N THR B 537 20.02 -10.69 15.28
CA THR B 537 20.64 -11.41 16.44
C THR B 537 22.11 -11.02 16.52
N GLU B 538 22.78 -11.26 17.66
CA GLU B 538 24.26 -11.06 17.79
C GLU B 538 24.97 -12.06 16.86
N LYS B 539 24.39 -13.25 16.69
CA LYS B 539 24.93 -14.33 15.80
C LYS B 539 24.92 -13.84 14.36
N GLN B 540 23.75 -13.38 13.90
CA GLN B 540 23.49 -12.85 12.54
C GLN B 540 24.44 -11.68 12.24
N ARG B 541 24.62 -10.74 13.20
CA ARG B 541 25.51 -9.55 13.05
C ARG B 541 26.98 -9.98 12.94
N ASP B 542 27.38 -11.08 13.59
CA ASP B 542 28.75 -11.64 13.50
C ASP B 542 28.99 -12.15 12.08
N SER B 543 27.99 -12.79 11.49
CA SER B 543 28.04 -13.36 10.12
C SER B 543 27.96 -12.24 9.06
N LEU B 544 27.20 -11.16 9.33
CA LEU B 544 27.00 -10.01 8.40
C LEU B 544 28.29 -9.20 8.29
N GLN B 545 29.21 -9.31 9.26
CA GLN B 545 30.49 -8.55 9.26
C GLN B 545 31.43 -9.07 8.17
N LYS B 546 31.25 -10.31 7.71
CA LYS B 546 32.18 -10.98 6.75
C LYS B 546 31.91 -10.49 5.32
N VAL B 547 30.72 -9.92 5.04
CA VAL B 547 30.27 -9.54 3.67
C VAL B 547 31.29 -8.56 3.08
N SER B 548 31.41 -8.56 1.76
CA SER B 548 32.30 -7.66 0.98
C SER B 548 31.78 -7.59 -0.45
N PHE B 549 32.10 -6.52 -1.18
CA PHE B 549 31.71 -6.39 -2.60
C PHE B 549 32.38 -7.51 -3.40
N SER B 550 33.62 -7.86 -3.04
CA SER B 550 34.38 -8.97 -3.66
C SER B 550 33.52 -10.24 -3.63
N ARG B 551 32.97 -10.57 -2.46
CA ARG B 551 32.13 -11.77 -2.24
C ARG B 551 30.85 -11.67 -3.08
N LEU B 552 30.24 -10.48 -3.12
CA LEU B 552 29.01 -10.23 -3.90
C LEU B 552 29.24 -10.70 -5.34
N ILE B 553 30.37 -10.29 -5.92
CA ILE B 553 30.74 -10.58 -7.34
C ILE B 553 30.90 -12.09 -7.50
N CYS B 554 31.77 -12.70 -6.69
CA CYS B 554 32.02 -14.17 -6.66
C CYS B 554 30.70 -14.93 -6.71
N ASP B 555 29.75 -14.60 -5.83
CA ASP B 555 28.50 -15.40 -5.64
C ASP B 555 27.51 -15.14 -6.77
N ASN B 556 27.65 -14.06 -7.54
CA ASN B 556 26.58 -13.55 -8.45
C ASN B 556 27.10 -13.32 -9.89
N THR B 557 28.33 -13.72 -10.21
CA THR B 557 28.87 -13.69 -11.60
C THR B 557 29.51 -15.05 -11.94
N HIS B 558 30.27 -15.10 -13.04
CA HIS B 558 31.20 -16.21 -13.38
C HIS B 558 32.65 -15.73 -13.26
N ILE B 559 32.88 -14.62 -12.56
CA ILE B 559 34.24 -14.08 -12.24
C ILE B 559 34.77 -14.88 -11.05
N THR B 560 36.03 -15.31 -11.10
CA THR B 560 36.65 -16.21 -10.09
C THR B 560 37.77 -15.46 -9.36
N LYS B 561 38.45 -14.55 -10.04
CA LYS B 561 39.52 -13.71 -9.43
C LYS B 561 38.94 -12.32 -9.13
N VAL B 562 39.05 -11.87 -7.88
CA VAL B 562 38.60 -10.52 -7.41
C VAL B 562 39.62 -10.02 -6.39
N PRO B 563 39.74 -8.69 -6.17
CA PRO B 563 40.64 -8.19 -5.14
C PRO B 563 39.98 -8.24 -3.75
N LEU B 564 40.78 -8.11 -2.70
CA LEU B 564 40.30 -8.20 -1.29
C LEU B 564 39.58 -6.90 -0.90
N HIS B 565 40.01 -5.77 -1.45
CA HIS B 565 39.44 -4.42 -1.19
C HIS B 565 39.06 -3.77 -2.53
N ALA B 566 37.80 -3.92 -2.96
CA ALA B 566 37.33 -3.63 -4.35
C ALA B 566 37.36 -2.12 -4.64
N PHE B 567 37.33 -1.26 -3.62
CA PHE B 567 37.20 0.20 -3.78
C PHE B 567 38.56 0.86 -4.03
N GLN B 568 39.67 0.23 -3.65
CA GLN B 568 41.02 0.78 -3.93
C GLN B 568 41.41 0.31 -5.34
N ALA B 569 42.41 0.96 -5.95
CA ALA B 569 42.94 0.65 -7.29
C ALA B 569 43.67 -0.69 -7.21
N ASN B 570 43.20 -1.67 -7.98
CA ASN B 570 43.71 -3.07 -7.99
C ASN B 570 44.07 -3.43 -9.42
N ASN B 571 45.33 -3.77 -9.69
CA ASN B 571 45.79 -4.23 -11.02
C ASN B 571 45.94 -5.74 -11.00
N TYR B 572 45.57 -6.39 -12.10
CA TYR B 572 45.68 -7.85 -12.32
C TYR B 572 47.09 -8.19 -12.76
N PRO B 573 47.74 -9.26 -12.24
CA PRO B 573 47.13 -10.20 -11.30
C PRO B 573 47.53 -10.07 -9.83
N HIS B 574 48.50 -9.20 -9.53
CA HIS B 574 49.17 -9.12 -8.21
C HIS B 574 48.11 -8.95 -7.11
N ASP B 575 47.19 -8.00 -7.31
CA ASP B 575 46.25 -7.48 -6.27
C ASP B 575 44.98 -8.35 -6.24
N PHE B 576 44.83 -9.32 -7.15
CA PHE B 576 43.65 -10.24 -7.22
C PHE B 576 43.99 -11.60 -6.57
N VAL B 577 42.96 -12.26 -6.01
CA VAL B 577 43.05 -13.61 -5.40
C VAL B 577 41.87 -14.44 -5.92
N ASP B 578 41.83 -15.74 -5.59
CA ASP B 578 40.75 -16.66 -6.04
C ASP B 578 39.54 -16.50 -5.11
N CYS B 579 38.34 -16.59 -5.67
CA CYS B 579 37.05 -16.43 -4.96
C CYS B 579 36.96 -17.38 -3.76
N SER B 580 37.63 -18.54 -3.81
CA SER B 580 37.62 -19.57 -2.74
C SER B 580 38.27 -19.03 -1.46
N THR B 581 39.14 -18.01 -1.58
CA THR B 581 39.92 -17.42 -0.45
C THR B 581 39.15 -16.31 0.27
N VAL B 582 38.02 -15.84 -0.28
CA VAL B 582 37.26 -14.67 0.23
C VAL B 582 36.23 -15.19 1.24
N ASP B 583 36.14 -14.55 2.42
CA ASP B 583 35.16 -14.92 3.48
C ASP B 583 33.75 -14.90 2.88
N LYS B 584 32.87 -15.82 3.29
CA LYS B 584 31.48 -15.93 2.81
C LYS B 584 30.48 -15.38 3.84
N LEU B 585 29.23 -15.20 3.41
CA LEU B 585 28.06 -14.86 4.28
C LEU B 585 27.51 -16.23 4.67
N ASP B 586 27.83 -16.65 5.91
CA ASP B 586 27.36 -17.93 6.52
C ASP B 586 25.94 -17.64 7.00
N LEU B 587 24.95 -18.28 6.39
CA LEU B 587 23.50 -18.03 6.66
C LEU B 587 22.98 -18.99 7.74
N SER B 588 23.85 -19.79 8.38
CA SER B 588 23.45 -20.73 9.46
C SER B 588 22.61 -19.98 10.50
N PRO B 589 23.05 -18.80 11.01
CA PRO B 589 22.28 -18.07 12.03
C PRO B 589 20.84 -17.65 11.68
N TRP B 590 20.40 -17.82 10.42
CA TRP B 590 19.01 -17.56 9.93
C TRP B 590 18.17 -18.84 9.97
N ALA B 591 18.84 -20.00 10.06
CA ALA B 591 18.23 -21.35 10.18
C ALA B 591 17.22 -21.33 11.33
N SER B 592 15.94 -21.56 11.01
CA SER B 592 14.79 -21.48 11.95
C SER B 592 14.02 -22.81 11.95
N ARG B 593 14.63 -23.85 12.53
CA ARG B 593 13.99 -25.13 12.92
C ARG B 593 13.11 -24.86 14.15
N GLU B 594 12.10 -25.71 14.39
CA GLU B 594 11.14 -25.63 15.53
C GLU B 594 10.46 -24.25 15.57
N ASN B 595 10.09 -23.70 14.40
CA ASN B 595 9.51 -22.35 14.24
C ASN B 595 8.00 -22.41 14.53
#